data_8XDD
#
_entry.id   8XDD
#
loop_
_entity.id
_entity.type
_entity.pdbx_description
1 polymer 'Urea transporter 2'
2 non-polymer '8-hydroxyquinoline-2-carboxylic acid'
3 non-polymer 1-(3-methoxyphenyl)methanamine
#
_entity_poly.entity_id   1
_entity_poly.type   'polypeptide(L)'
_entity_poly.pdbx_seq_one_letter_code
;MEESSEIKVETNISKTSWIRSSMAASGKRVSKALSYITGEMKECGEGLKDKSPVFQFFDWVLRGTSQVMFVNNPLSGILI
ILGLFIQNPWWAISGCLGTIMSTLTALILSQDKSAIAAGFHGYNGVLVGLLMAVFSDKGDYYWWLLLPVIIMSMSCPILS
SALGTIFSKWDLPVFTLPFNITVTLYLAATGHYNLFFPTTLLQPASAMPNITWSEVQVPLLLRAIPVGIGQVYGCDNPWT
GGIFLIALFISSPLICLHAAIGSTMGMLAALTIATPFDSIYFGLCGFNSTLACIAIGGMFYVITWQTHLLAIACALFAAY
LGAALANMLSVFGLPPCTWPFCLSALTFLLLTTNNPAIYKLPLSKVTYPEANRIYYLSQERNRRASIITKYQAYDVS
;
_entity_poly.pdbx_strand_id   A,B,C
#
# COMPACT_ATOMS: atom_id res chain seq x y z
N LYS A 51 -28.87 12.82 -32.31
CA LYS A 51 -28.70 14.26 -32.33
C LYS A 51 -27.26 14.65 -32.63
N SER A 52 -26.95 15.94 -32.48
CA SER A 52 -25.61 16.41 -32.76
C SER A 52 -24.62 15.82 -31.75
N PRO A 53 -23.41 15.49 -32.18
CA PRO A 53 -22.42 14.91 -31.26
C PRO A 53 -22.12 15.77 -30.06
N VAL A 54 -22.18 17.10 -30.20
CA VAL A 54 -21.89 17.99 -29.07
C VAL A 54 -22.90 17.80 -27.96
N PHE A 55 -24.19 17.67 -28.32
CA PHE A 55 -25.21 17.45 -27.31
C PHE A 55 -24.99 16.12 -26.59
N GLN A 56 -24.62 15.07 -27.32
CA GLN A 56 -24.34 13.79 -26.68
C GLN A 56 -23.13 13.90 -25.75
N PHE A 57 -22.11 14.64 -26.16
CA PHE A 57 -20.95 14.82 -25.31
C PHE A 57 -21.31 15.56 -24.03
N PHE A 58 -22.13 16.60 -24.13
CA PHE A 58 -22.54 17.31 -22.92
C PHE A 58 -23.43 16.43 -22.04
N ASP A 59 -24.25 15.57 -22.66
CA ASP A 59 -24.99 14.58 -21.88
C ASP A 59 -24.05 13.67 -21.12
N TRP A 60 -22.98 13.22 -21.77
CA TRP A 60 -22.00 12.38 -21.11
C TRP A 60 -21.34 13.11 -19.94
N VAL A 61 -21.03 14.39 -20.14
CA VAL A 61 -20.42 15.19 -19.07
C VAL A 61 -21.38 15.31 -17.89
N LEU A 62 -22.66 15.55 -18.17
CA LEU A 62 -23.63 15.68 -17.09
C LEU A 62 -23.78 14.38 -16.31
N ARG A 63 -23.89 13.25 -17.03
CA ARG A 63 -24.01 11.97 -16.33
C ARG A 63 -22.74 11.65 -15.55
N GLY A 64 -21.58 12.03 -16.08
CA GLY A 64 -20.35 11.84 -15.34
C GLY A 64 -20.31 12.65 -14.06
N THR A 65 -20.70 13.92 -14.12
CA THR A 65 -20.70 14.73 -12.91
C THR A 65 -21.81 14.31 -11.95
N SER A 66 -22.78 13.52 -12.41
CA SER A 66 -23.77 12.97 -11.51
C SER A 66 -23.36 11.65 -10.88
N GLN A 67 -22.51 10.87 -11.55
CA GLN A 67 -22.08 9.56 -11.03
C GLN A 67 -21.35 9.61 -9.70
N VAL A 68 -21.07 10.80 -9.19
CA VAL A 68 -20.27 10.92 -7.96
C VAL A 68 -21.00 10.28 -6.79
N MET A 69 -22.28 10.62 -6.62
CA MET A 69 -23.14 9.93 -5.68
C MET A 69 -23.81 8.70 -6.28
N PHE A 70 -23.21 8.12 -7.32
CA PHE A 70 -23.68 6.90 -7.95
C PHE A 70 -25.03 7.10 -8.65
N VAL A 71 -25.24 8.29 -9.20
CA VAL A 71 -26.49 8.65 -9.85
C VAL A 71 -26.23 8.83 -11.34
N ASN A 72 -27.04 8.19 -12.17
CA ASN A 72 -26.93 8.29 -13.62
C ASN A 72 -28.17 9.03 -14.11
N ASN A 73 -28.12 10.36 -14.09
CA ASN A 73 -29.24 11.16 -14.53
C ASN A 73 -28.76 12.54 -14.94
N PRO A 74 -28.97 12.94 -16.20
CA PRO A 74 -28.48 14.25 -16.64
C PRO A 74 -29.07 15.41 -15.85
N LEU A 75 -30.34 15.32 -15.45
CA LEU A 75 -30.94 16.37 -14.65
C LEU A 75 -30.25 16.50 -13.30
N SER A 76 -29.88 15.37 -12.70
CA SER A 76 -29.09 15.42 -11.47
C SER A 76 -27.76 16.10 -11.73
N GLY A 77 -27.15 15.87 -12.89
CA GLY A 77 -25.93 16.56 -13.22
C GLY A 77 -26.13 18.07 -13.31
N ILE A 78 -27.23 18.50 -13.93
CA ILE A 78 -27.52 19.92 -14.02
C ILE A 78 -27.68 20.52 -12.62
N LEU A 79 -28.42 19.83 -11.76
CA LEU A 79 -28.60 20.32 -10.40
C LEU A 79 -27.28 20.40 -9.65
N ILE A 80 -26.39 19.42 -9.86
CA ILE A 80 -25.11 19.44 -9.17
C ILE A 80 -24.24 20.59 -9.68
N ILE A 81 -24.25 20.83 -10.99
CA ILE A 81 -23.50 21.97 -11.53
C ILE A 81 -24.05 23.28 -10.98
N LEU A 82 -25.38 23.38 -10.86
CA LEU A 82 -25.98 24.58 -10.29
C LEU A 82 -25.55 24.75 -8.84
N GLY A 83 -25.51 23.66 -8.08
CA GLY A 83 -25.04 23.74 -6.71
C GLY A 83 -23.59 24.20 -6.63
N LEU A 84 -22.76 23.72 -7.55
CA LEU A 84 -21.36 24.15 -7.59
C LEU A 84 -21.25 25.65 -7.89
N PHE A 85 -22.05 26.15 -8.83
CA PHE A 85 -22.09 27.60 -9.04
C PHE A 85 -22.55 28.34 -7.79
N ILE A 86 -23.50 27.77 -7.06
CA ILE A 86 -23.94 28.40 -5.83
C ILE A 86 -22.80 28.47 -4.82
N GLN A 87 -22.01 27.41 -4.73
CA GLN A 87 -20.93 27.36 -3.75
C GLN A 87 -19.79 28.31 -4.15
N ASN A 88 -19.14 28.03 -5.27
CA ASN A 88 -18.01 28.83 -5.71
C ASN A 88 -17.83 28.69 -7.22
N PRO A 89 -18.04 29.76 -7.99
CA PRO A 89 -17.92 29.63 -9.45
C PRO A 89 -16.56 29.16 -9.92
N TRP A 90 -15.49 29.55 -9.25
CA TRP A 90 -14.15 29.09 -9.65
C TRP A 90 -14.03 27.58 -9.48
N TRP A 91 -14.49 27.06 -8.35
CA TRP A 91 -14.42 25.62 -8.13
C TRP A 91 -15.23 24.87 -9.18
N ALA A 92 -16.40 25.40 -9.52
CA ALA A 92 -17.24 24.77 -10.52
C ALA A 92 -16.59 24.79 -11.90
N ILE A 93 -15.95 25.90 -12.25
CA ILE A 93 -15.24 25.96 -13.53
C ILE A 93 -14.14 24.91 -13.57
N SER A 94 -13.38 24.80 -12.48
CA SER A 94 -12.33 23.79 -12.42
C SER A 94 -12.90 22.39 -12.56
N GLY A 95 -14.00 22.11 -11.87
CA GLY A 95 -14.60 20.79 -11.96
C GLY A 95 -15.13 20.46 -13.34
N CYS A 96 -15.78 21.43 -13.99
CA CYS A 96 -16.29 21.19 -15.34
C CYS A 96 -15.15 20.96 -16.31
N LEU A 97 -14.06 21.72 -16.19
CA LEU A 97 -12.90 21.48 -17.06
C LEU A 97 -12.34 20.10 -16.81
N GLY A 98 -12.26 19.68 -15.55
CA GLY A 98 -11.78 18.34 -15.25
C GLY A 98 -12.64 17.27 -15.89
N THR A 99 -13.96 17.41 -15.77
CA THR A 99 -14.86 16.42 -16.37
C THR A 99 -14.70 16.38 -17.88
N ILE A 100 -14.64 17.55 -18.51
CA ILE A 100 -14.57 17.60 -19.96
C ILE A 100 -13.28 16.93 -20.45
N MET A 101 -12.15 17.29 -19.84
CA MET A 101 -10.89 16.71 -20.30
C MET A 101 -10.79 15.23 -19.96
N SER A 102 -11.40 14.79 -18.85
CA SER A 102 -11.44 13.36 -18.57
C SER A 102 -12.22 12.60 -19.63
N THR A 103 -13.36 13.15 -20.06
CA THR A 103 -14.14 12.47 -21.07
C THR A 103 -13.41 12.47 -22.43
N LEU A 104 -12.75 13.58 -22.77
CA LEU A 104 -11.92 13.56 -23.99
C LEU A 104 -10.82 12.52 -23.91
N THR A 105 -10.17 12.39 -22.75
CA THR A 105 -9.14 11.38 -22.62
C THR A 105 -9.72 9.98 -22.77
N ALA A 106 -10.92 9.76 -22.21
CA ALA A 106 -11.55 8.46 -22.35
C ALA A 106 -11.87 8.15 -23.81
N LEU A 107 -12.37 9.13 -24.55
CA LEU A 107 -12.65 8.90 -25.97
C LEU A 107 -11.37 8.66 -26.76
N ILE A 108 -10.32 9.42 -26.46
CA ILE A 108 -9.06 9.26 -27.19
C ILE A 108 -8.50 7.87 -26.96
N LEU A 109 -8.53 7.39 -25.72
CA LEU A 109 -7.99 6.08 -25.39
C LEU A 109 -8.93 4.95 -25.77
N SER A 110 -9.94 5.21 -26.60
CA SER A 110 -10.80 4.17 -27.17
C SER A 110 -11.39 3.28 -26.08
N GLN A 111 -11.86 3.92 -25.01
CA GLN A 111 -12.53 3.18 -23.95
C GLN A 111 -13.91 2.74 -24.41
N ASP A 112 -14.58 1.96 -23.56
CA ASP A 112 -15.89 1.45 -23.90
C ASP A 112 -16.89 2.58 -24.08
N LYS A 113 -17.66 2.53 -25.18
CA LYS A 113 -18.62 3.59 -25.44
C LYS A 113 -19.77 3.57 -24.44
N SER A 114 -20.19 2.40 -23.99
CA SER A 114 -21.26 2.33 -23.01
C SER A 114 -20.84 2.95 -21.68
N ALA A 115 -19.61 2.69 -21.26
CA ALA A 115 -19.13 3.27 -20.00
C ALA A 115 -19.04 4.78 -20.10
N ILE A 116 -18.55 5.30 -21.23
CA ILE A 116 -18.49 6.75 -21.40
C ILE A 116 -19.88 7.35 -21.42
N ALA A 117 -20.81 6.71 -22.13
CA ALA A 117 -22.17 7.23 -22.21
C ALA A 117 -22.84 7.23 -20.85
N ALA A 118 -22.57 6.21 -20.03
CA ALA A 118 -23.11 6.19 -18.67
C ALA A 118 -22.53 7.32 -17.84
N GLY A 119 -21.25 7.64 -18.04
CA GLY A 119 -20.61 8.68 -17.27
C GLY A 119 -19.52 8.13 -16.39
N PHE A 120 -19.15 6.88 -16.65
CA PHE A 120 -18.19 6.20 -15.78
CA PHE A 120 -18.18 6.18 -15.81
C PHE A 120 -16.81 6.83 -15.86
N HIS A 121 -16.50 7.58 -16.91
CA HIS A 121 -15.19 8.17 -17.06
C HIS A 121 -15.17 9.67 -16.75
N GLY A 122 -16.30 10.24 -16.33
CA GLY A 122 -16.34 11.65 -16.02
C GLY A 122 -16.44 11.93 -14.54
N TYR A 123 -16.77 10.92 -13.74
CA TYR A 123 -16.99 11.15 -12.33
C TYR A 123 -15.70 11.26 -11.53
N ASN A 124 -14.55 11.03 -12.16
CA ASN A 124 -13.28 11.32 -11.51
C ASN A 124 -12.70 12.66 -11.89
N GLY A 125 -12.97 13.13 -13.11
CA GLY A 125 -12.48 14.43 -13.52
C GLY A 125 -13.09 15.57 -12.72
N VAL A 126 -14.38 15.49 -12.41
CA VAL A 126 -15.04 16.57 -11.68
C VAL A 126 -14.43 16.72 -10.29
N LEU A 127 -14.24 15.59 -9.59
CA LEU A 127 -13.61 15.66 -8.28
C LEU A 127 -12.18 16.16 -8.39
N VAL A 128 -11.46 15.72 -9.41
CA VAL A 128 -10.08 16.17 -9.57
C VAL A 128 -10.03 17.69 -9.70
N GLY A 129 -10.85 18.26 -10.58
CA GLY A 129 -10.86 19.71 -10.73
C GLY A 129 -11.29 20.42 -9.48
N LEU A 130 -12.36 19.93 -8.85
CA LEU A 130 -12.89 20.59 -7.65
C LEU A 130 -11.86 20.59 -6.53
N LEU A 131 -11.14 19.49 -6.35
CA LEU A 131 -10.18 19.41 -5.26
C LEU A 131 -8.84 20.03 -5.63
N MET A 132 -8.56 20.23 -6.92
CA MET A 132 -7.48 21.14 -7.29
C MET A 132 -7.81 22.54 -6.84
N ALA A 133 -9.05 22.97 -7.06
CA ALA A 133 -9.44 24.33 -6.72
C ALA A 133 -9.59 24.53 -5.22
N VAL A 134 -10.02 23.50 -4.49
CA VAL A 134 -10.27 23.65 -3.06
C VAL A 134 -8.97 23.83 -2.31
N PHE A 135 -7.94 23.06 -2.67
CA PHE A 135 -6.65 23.08 -1.97
C PHE A 135 -5.63 23.94 -2.71
N SER A 136 -6.06 25.04 -3.29
CA SER A 136 -5.15 25.99 -3.92
C SER A 136 -4.95 27.18 -2.99
N ASP A 137 -3.70 27.55 -2.76
CA ASP A 137 -3.38 28.65 -1.87
C ASP A 137 -3.34 30.00 -2.57
N LYS A 138 -3.52 30.04 -3.89
CA LYS A 138 -3.45 31.27 -4.64
C LYS A 138 -4.78 32.00 -4.72
N GLY A 139 -5.82 31.49 -4.09
CA GLY A 139 -7.11 32.15 -4.10
C GLY A 139 -7.99 31.69 -5.23
N ASP A 140 -8.94 32.55 -5.60
CA ASP A 140 -9.90 32.26 -6.64
C ASP A 140 -9.44 32.82 -7.98
N TYR A 141 -9.85 32.15 -9.05
CA TYR A 141 -9.53 32.56 -10.41
C TYR A 141 -8.03 32.70 -10.64
N TYR A 142 -7.26 31.79 -10.03
CA TYR A 142 -5.86 31.61 -10.38
C TYR A 142 -5.84 30.76 -11.64
N TRP A 143 -5.88 31.43 -12.79
CA TRP A 143 -6.14 30.75 -14.05
C TRP A 143 -5.11 29.68 -14.38
N TRP A 144 -3.85 29.86 -13.96
CA TRP A 144 -2.83 28.87 -14.27
C TRP A 144 -3.14 27.52 -13.64
N LEU A 145 -3.94 27.49 -12.58
CA LEU A 145 -4.33 26.22 -11.98
C LEU A 145 -5.07 25.33 -12.96
N LEU A 146 -5.68 25.91 -14.01
CA LEU A 146 -6.34 25.08 -15.00
C LEU A 146 -5.35 24.16 -15.70
N LEU A 147 -4.11 24.58 -15.84
CA LEU A 147 -3.14 23.75 -16.57
C LEU A 147 -2.87 22.42 -15.87
N PRO A 148 -2.59 22.36 -14.57
CA PRO A 148 -2.59 21.05 -13.90
C PRO A 148 -3.91 20.31 -14.06
N VAL A 149 -5.03 21.02 -13.96
CA VAL A 149 -6.34 20.38 -13.98
C VAL A 149 -6.52 19.63 -15.30
N ILE A 150 -6.11 20.24 -16.40
CA ILE A 150 -6.16 19.54 -17.69
C ILE A 150 -5.28 18.30 -17.65
N ILE A 151 -4.05 18.44 -17.15
CA ILE A 151 -3.12 17.31 -17.22
C ILE A 151 -3.56 16.18 -16.30
N MET A 152 -3.84 16.49 -15.03
CA MET A 152 -4.19 15.45 -14.08
C MET A 152 -5.48 14.73 -14.44
N SER A 153 -6.45 15.45 -15.01
CA SER A 153 -7.68 14.80 -15.44
C SER A 153 -7.44 13.82 -16.58
N MET A 154 -6.35 13.96 -17.33
CA MET A 154 -6.02 12.94 -18.32
C MET A 154 -5.71 11.61 -17.65
N SER A 155 -5.22 11.63 -16.42
CA SER A 155 -4.83 10.41 -15.74
C SER A 155 -6.01 9.68 -15.12
N CYS A 156 -7.16 10.31 -15.02
CA CYS A 156 -8.34 9.63 -14.47
C CYS A 156 -8.77 8.44 -15.32
N PRO A 157 -8.94 8.55 -16.65
CA PRO A 157 -9.31 7.35 -17.42
C PRO A 157 -8.29 6.24 -17.33
N ILE A 158 -7.00 6.57 -17.50
CA ILE A 158 -5.95 5.55 -17.47
C ILE A 158 -6.05 4.73 -16.20
N LEU A 159 -5.98 5.39 -15.05
CA LEU A 159 -6.13 4.69 -13.78
C LEU A 159 -7.43 3.92 -13.74
N SER A 160 -8.52 4.53 -14.20
CA SER A 160 -9.82 3.86 -14.16
C SER A 160 -9.78 2.57 -14.97
N SER A 161 -9.04 2.56 -16.08
CA SER A 161 -8.86 1.31 -16.80
C SER A 161 -7.94 0.39 -16.02
N ALA A 162 -6.80 0.90 -15.55
CA ALA A 162 -5.81 0.04 -14.93
C ALA A 162 -6.36 -0.67 -13.71
N LEU A 163 -6.93 0.10 -12.78
CA LEU A 163 -7.55 -0.50 -11.62
C LEU A 163 -8.64 -1.48 -12.03
N GLY A 164 -9.38 -1.17 -13.09
CA GLY A 164 -10.39 -2.10 -13.57
C GLY A 164 -9.79 -3.45 -13.90
N THR A 165 -8.65 -3.46 -14.58
CA THR A 165 -8.00 -4.72 -14.91
C THR A 165 -7.61 -5.47 -13.64
N ILE A 166 -7.23 -4.73 -12.60
CA ILE A 166 -6.96 -5.37 -11.32
C ILE A 166 -8.26 -5.84 -10.67
N PHE A 167 -9.31 -5.03 -10.76
CA PHE A 167 -10.51 -5.29 -9.98
C PHE A 167 -11.49 -6.21 -10.68
N SER A 168 -11.25 -6.55 -11.93
CA SER A 168 -12.15 -7.45 -12.64
C SER A 168 -12.06 -8.88 -12.09
N LYS A 169 -10.94 -9.26 -11.48
CA LYS A 169 -10.79 -10.63 -11.01
C LYS A 169 -11.72 -10.94 -9.86
N TRP A 170 -12.04 -9.94 -9.03
CA TRP A 170 -12.97 -10.12 -7.92
C TRP A 170 -14.29 -9.39 -8.15
N ASP A 171 -14.56 -9.00 -9.40
CA ASP A 171 -15.81 -8.32 -9.75
C ASP A 171 -16.04 -7.10 -8.87
N LEU A 172 -14.97 -6.35 -8.63
CA LEU A 172 -15.13 -5.15 -7.83
C LEU A 172 -15.13 -3.92 -8.72
N PRO A 173 -16.09 -3.04 -8.53
CA PRO A 173 -16.07 -1.76 -9.23
C PRO A 173 -15.09 -0.81 -8.58
N VAL A 174 -14.60 0.14 -9.36
CA VAL A 174 -13.71 1.15 -8.83
C VAL A 174 -14.55 2.32 -8.29
N PHE A 175 -14.12 2.87 -7.16
CA PHE A 175 -14.89 3.86 -6.39
C PHE A 175 -14.12 5.15 -6.16
N THR A 176 -13.72 5.80 -7.25
CA THR A 176 -13.14 7.15 -7.22
C THR A 176 -11.68 7.02 -6.80
N LEU A 177 -11.14 5.80 -6.80
CA LEU A 177 -9.71 5.58 -6.60
C LEU A 177 -8.85 6.37 -7.59
N PRO A 178 -9.20 6.45 -8.88
CA PRO A 178 -8.38 7.31 -9.77
C PRO A 178 -8.28 8.74 -9.28
N PHE A 179 -9.39 9.29 -8.77
CA PHE A 179 -9.34 10.61 -8.15
C PHE A 179 -8.38 10.65 -6.98
N ASN A 180 -8.46 9.69 -6.06
CA ASN A 180 -7.60 9.73 -4.89
C ASN A 180 -6.14 9.64 -5.29
N ILE A 181 -5.80 8.72 -6.18
CA ILE A 181 -4.41 8.56 -6.60
C ILE A 181 -3.92 9.82 -7.29
N THR A 182 -4.71 10.35 -8.22
CA THR A 182 -4.26 11.52 -8.97
C THR A 182 -4.10 12.74 -8.07
N VAL A 183 -5.07 12.99 -7.19
CA VAL A 183 -5.00 14.17 -6.34
C VAL A 183 -3.90 14.03 -5.30
N THR A 184 -3.71 12.83 -4.75
CA THR A 184 -2.58 12.60 -3.86
C THR A 184 -1.27 12.87 -4.59
N LEU A 185 -1.15 12.39 -5.83
CA LEU A 185 0.03 12.67 -6.64
C LEU A 185 0.25 14.16 -6.78
N TYR A 186 -0.79 14.90 -7.17
CA TYR A 186 -0.63 16.33 -7.40
C TYR A 186 -0.26 17.06 -6.11
N LEU A 187 -0.98 16.80 -5.03
CA LEU A 187 -0.79 17.53 -3.80
C LEU A 187 0.54 17.19 -3.15
N ALA A 188 1.05 15.98 -3.36
CA ALA A 188 2.38 15.65 -2.87
C ALA A 188 3.46 16.29 -3.74
N ALA A 189 3.26 16.30 -5.06
CA ALA A 189 4.25 16.89 -5.95
C ALA A 189 4.40 18.38 -5.71
N THR A 190 3.27 19.07 -5.52
CA THR A 190 3.34 20.52 -5.32
C THR A 190 3.67 20.87 -3.89
N GLY A 191 2.81 20.48 -2.95
CA GLY A 191 3.02 20.78 -1.55
C GLY A 191 2.68 22.22 -1.23
N HIS A 192 2.79 22.54 0.06
CA HIS A 192 2.49 23.89 0.50
C HIS A 192 3.56 24.89 0.11
N TYR A 193 4.78 24.43 -0.16
CA TYR A 193 5.91 25.31 -0.46
C TYR A 193 6.29 25.29 -1.93
N ASN A 194 5.32 25.07 -2.81
CA ASN A 194 5.57 25.12 -4.24
C ASN A 194 5.55 26.55 -4.73
N LEU A 195 6.41 26.85 -5.70
CA LEU A 195 6.49 28.22 -6.21
C LEU A 195 5.34 28.56 -7.14
N PHE A 196 4.80 27.56 -7.84
CA PHE A 196 3.78 27.78 -8.87
C PHE A 196 2.38 27.52 -8.36
N PHE A 197 2.13 26.36 -7.76
CA PHE A 197 0.79 25.96 -7.31
C PHE A 197 0.84 25.56 -5.84
N PRO A 198 1.02 26.52 -4.94
CA PRO A 198 1.03 26.19 -3.52
C PRO A 198 -0.32 25.68 -3.06
N THR A 199 -0.30 24.80 -2.07
CA THR A 199 -1.50 24.19 -1.54
C THR A 199 -1.72 24.64 -0.10
N THR A 200 -2.97 24.51 0.36
CA THR A 200 -3.29 24.85 1.73
C THR A 200 -2.53 23.94 2.68
N LEU A 201 -2.04 24.53 3.78
CA LEU A 201 -1.16 23.81 4.69
C LEU A 201 -1.98 22.93 5.62
N LEU A 202 -1.70 21.62 5.59
CA LEU A 202 -2.28 20.67 6.51
C LEU A 202 -1.15 20.06 7.34
N GLN A 203 -1.29 20.12 8.66
CA GLN A 203 -0.25 19.61 9.53
C GLN A 203 -0.88 18.80 10.66
N PRO A 204 -0.17 17.79 11.17
CA PRO A 204 -0.73 16.96 12.24
C PRO A 204 -0.94 17.77 13.51
N ALA A 205 -1.96 17.40 14.27
CA ALA A 205 -2.23 18.07 15.53
C ALA A 205 -1.16 17.72 16.55
N SER A 206 -0.61 18.75 17.20
CA SER A 206 0.46 18.58 18.17
C SER A 206 0.04 18.97 19.57
N ALA A 207 -1.25 19.22 19.80
CA ALA A 207 -1.75 19.61 21.11
C ALA A 207 -3.14 19.04 21.30
N MET A 208 -3.52 18.84 22.56
CA MET A 208 -4.84 18.30 22.86
C MET A 208 -5.91 19.35 22.54
N PRO A 209 -6.90 19.01 21.73
CA PRO A 209 -7.96 19.97 21.42
C PRO A 209 -8.77 20.34 22.64
N ASN A 210 -9.27 21.56 22.65
CA ASN A 210 -10.16 22.05 23.70
C ASN A 210 -11.60 21.90 23.23
N ILE A 211 -12.35 21.03 23.89
CA ILE A 211 -13.71 20.69 23.46
C ILE A 211 -14.63 21.05 24.62
N THR A 212 -15.20 22.25 24.56
CA THR A 212 -16.17 22.69 25.57
C THR A 212 -17.53 22.13 25.18
N TRP A 213 -17.90 21.02 25.81
CA TRP A 213 -19.15 20.35 25.45
C TRP A 213 -20.39 21.17 25.78
N SER A 214 -20.26 22.16 26.66
CA SER A 214 -21.39 23.05 26.92
C SER A 214 -21.64 24.03 25.80
N GLU A 215 -20.69 24.19 24.87
CA GLU A 215 -20.83 25.13 23.76
C GLU A 215 -21.25 24.45 22.47
N VAL A 216 -21.60 23.16 22.52
CA VAL A 216 -22.05 22.48 21.31
C VAL A 216 -23.38 23.05 20.86
N GLN A 217 -23.53 23.23 19.55
CA GLN A 217 -24.73 23.82 18.96
C GLN A 217 -25.44 22.75 18.16
N VAL A 218 -26.55 22.24 18.69
CA VAL A 218 -27.29 21.19 17.98
C VAL A 218 -27.86 21.66 16.65
N PRO A 219 -28.21 22.94 16.44
CA PRO A 219 -28.60 23.32 15.07
C PRO A 219 -27.50 23.09 14.05
N LEU A 220 -26.26 23.51 14.35
CA LEU A 220 -25.17 23.26 13.44
C LEU A 220 -24.84 21.78 13.35
N LEU A 221 -24.99 21.06 14.47
CA LEU A 221 -24.73 19.63 14.46
C LEU A 221 -25.69 18.91 13.52
N LEU A 222 -26.95 19.33 13.50
CA LEU A 222 -27.92 18.77 12.57
C LEU A 222 -27.64 19.23 11.14
N ARG A 223 -27.25 20.50 10.98
CA ARG A 223 -26.92 21.02 9.66
C ARG A 223 -25.69 20.36 9.08
N ALA A 224 -24.91 19.67 9.91
CA ALA A 224 -23.77 18.91 9.39
C ALA A 224 -24.20 17.79 8.44
N ILE A 225 -25.47 17.42 8.44
CA ILE A 225 -25.95 16.37 7.53
C ILE A 225 -25.99 16.88 6.09
N PRO A 226 -26.74 17.94 5.76
CA PRO A 226 -26.66 18.43 4.37
C PRO A 226 -25.27 18.91 3.99
N VAL A 227 -24.55 19.53 4.92
CA VAL A 227 -23.18 19.92 4.64
C VAL A 227 -22.30 18.70 4.44
N GLY A 228 -22.58 17.63 5.19
CA GLY A 228 -21.86 16.38 4.96
C GLY A 228 -22.13 15.82 3.57
N ILE A 229 -23.36 15.95 3.08
CA ILE A 229 -23.66 15.53 1.73
C ILE A 229 -22.92 16.38 0.71
N GLY A 230 -22.93 17.70 0.91
CA GLY A 230 -22.26 18.60 -0.01
C GLY A 230 -20.76 18.53 0.02
N GLN A 231 -20.18 18.00 1.09
CA GLN A 231 -18.73 17.90 1.20
C GLN A 231 -18.15 16.80 0.33
N VAL A 232 -18.98 15.97 -0.29
CA VAL A 232 -18.48 14.96 -1.22
C VAL A 232 -17.68 15.63 -2.33
N TYR A 233 -18.19 16.75 -2.84
CA TYR A 233 -17.50 17.52 -3.87
C TYR A 233 -16.52 18.53 -3.30
N GLY A 234 -16.48 18.69 -1.97
CA GLY A 234 -15.69 19.73 -1.36
C GLY A 234 -16.45 20.99 -1.03
N CYS A 235 -17.75 21.04 -1.32
CA CYS A 235 -18.55 22.23 -1.06
C CYS A 235 -19.05 22.23 0.38
N ASP A 236 -18.93 23.38 1.04
CA ASP A 236 -19.34 23.52 2.44
C ASP A 236 -20.62 24.30 2.63
N ASN A 237 -21.21 24.81 1.56
CA ASN A 237 -22.42 25.62 1.67
C ASN A 237 -23.61 24.71 1.96
N PRO A 238 -24.39 24.99 3.01
CA PRO A 238 -25.58 24.16 3.26
C PRO A 238 -26.56 24.16 2.10
N TRP A 239 -26.68 25.27 1.38
CA TRP A 239 -27.62 25.32 0.26
C TRP A 239 -27.23 24.37 -0.86
N THR A 240 -25.94 24.28 -1.18
CA THR A 240 -25.53 23.31 -2.20
C THR A 240 -25.69 21.89 -1.69
N GLY A 241 -25.61 21.68 -0.37
CA GLY A 241 -25.94 20.38 0.18
C GLY A 241 -27.41 20.02 -0.03
N GLY A 242 -28.30 21.00 0.19
CA GLY A 242 -29.71 20.76 -0.09
C GLY A 242 -29.97 20.50 -1.55
N ILE A 243 -29.30 21.25 -2.43
CA ILE A 243 -29.44 21.01 -3.87
C ILE A 243 -28.97 19.60 -4.22
N PHE A 244 -27.87 19.16 -3.59
CA PHE A 244 -27.39 17.80 -3.82
C PHE A 244 -28.40 16.77 -3.35
N LEU A 245 -29.00 17.00 -2.19
CA LEU A 245 -30.01 16.06 -1.70
C LEU A 245 -31.19 15.98 -2.66
N ILE A 246 -31.61 17.13 -3.19
CA ILE A 246 -32.68 17.13 -4.19
C ILE A 246 -32.26 16.37 -5.43
N ALA A 247 -31.00 16.52 -5.84
CA ALA A 247 -30.50 15.85 -7.03
C ALA A 247 -30.51 14.34 -6.86
N LEU A 248 -30.09 13.86 -5.68
CA LEU A 248 -30.19 12.42 -5.41
C LEU A 248 -31.65 11.96 -5.34
N PHE A 249 -32.52 12.76 -4.71
CA PHE A 249 -33.90 12.30 -4.53
C PHE A 249 -34.65 12.24 -5.85
N ILE A 250 -34.36 13.15 -6.79
CA ILE A 250 -35.12 13.15 -8.05
C ILE A 250 -34.87 11.87 -8.82
N SER A 251 -33.71 11.24 -8.62
CA SER A 251 -33.42 9.99 -9.28
C SER A 251 -34.00 8.80 -8.52
N SER A 252 -33.59 8.62 -7.27
CA SER A 252 -34.02 7.47 -6.50
C SER A 252 -34.05 7.80 -5.01
N PRO A 253 -35.20 7.69 -4.35
CA PRO A 253 -35.27 8.05 -2.93
C PRO A 253 -34.38 7.22 -2.03
N LEU A 254 -34.12 5.95 -2.37
CA LEU A 254 -33.28 5.13 -1.51
C LEU A 254 -31.87 5.68 -1.43
N ILE A 255 -31.33 6.18 -2.54
CA ILE A 255 -30.00 6.76 -2.51
C ILE A 255 -29.96 7.99 -1.61
N CYS A 256 -30.99 8.84 -1.69
CA CYS A 256 -31.04 10.01 -0.82
C CYS A 256 -31.14 9.61 0.66
N LEU A 257 -31.98 8.63 0.95
CA LEU A 257 -32.11 8.16 2.32
C LEU A 257 -30.80 7.64 2.86
N HIS A 258 -30.11 6.81 2.07
CA HIS A 258 -28.83 6.28 2.52
C HIS A 258 -27.77 7.37 2.62
N ALA A 259 -27.85 8.39 1.78
CA ALA A 259 -26.93 9.50 1.89
C ALA A 259 -27.12 10.25 3.21
N ALA A 260 -28.37 10.55 3.55
CA ALA A 260 -28.63 11.23 4.82
C ALA A 260 -28.21 10.37 6.01
N ILE A 261 -28.50 9.07 5.95
CA ILE A 261 -28.12 8.17 7.03
C ILE A 261 -26.61 8.09 7.17
N GLY A 262 -25.90 8.00 6.05
CA GLY A 262 -24.45 7.95 6.10
C GLY A 262 -23.85 9.23 6.65
N SER A 263 -24.38 10.39 6.23
CA SER A 263 -23.85 11.65 6.74
C SER A 263 -24.06 11.77 8.24
N THR A 264 -25.28 11.45 8.71
CA THR A 264 -25.52 11.56 10.15
C THR A 264 -24.73 10.53 10.93
N MET A 265 -24.48 9.35 10.33
CA MET A 265 -23.67 8.35 10.99
C MET A 265 -22.23 8.81 11.09
N GLY A 266 -21.70 9.46 10.05
CA GLY A 266 -20.36 10.00 10.13
C GLY A 266 -20.26 11.09 11.18
N MET A 267 -21.28 11.95 11.27
CA MET A 267 -21.30 12.98 12.31
C MET A 267 -21.27 12.35 13.70
N LEU A 268 -22.12 11.35 13.93
CA LEU A 268 -22.15 10.70 15.23
C LEU A 268 -20.83 10.01 15.55
N ALA A 269 -20.25 9.32 14.56
CA ALA A 269 -18.98 8.64 14.79
C ALA A 269 -17.86 9.63 15.05
N ALA A 270 -17.94 10.83 14.48
CA ALA A 270 -16.96 11.87 14.78
C ALA A 270 -17.14 12.46 16.16
N LEU A 271 -18.37 12.51 16.69
CA LEU A 271 -18.53 12.93 18.07
C LEU A 271 -17.97 11.90 19.04
N THR A 272 -17.89 10.64 18.64
CA THR A 272 -17.48 9.58 19.54
C THR A 272 -16.00 9.69 19.93
N ILE A 273 -15.16 10.21 19.05
CA ILE A 273 -13.73 10.29 19.31
C ILE A 273 -13.28 11.73 19.53
N ALA A 274 -14.21 12.60 19.97
CA ALA A 274 -13.89 13.97 20.37
C ALA A 274 -13.24 14.76 19.24
N THR A 275 -13.92 14.71 18.09
CA THR A 275 -13.46 15.46 16.95
C THR A 275 -13.80 16.96 17.18
N PRO A 276 -12.87 17.93 16.90
CA PRO A 276 -13.18 19.34 17.12
C PRO A 276 -14.48 19.73 16.45
N PHE A 277 -15.26 20.57 17.12
CA PHE A 277 -16.61 20.88 16.66
C PHE A 277 -16.59 21.61 15.33
N ASP A 278 -15.56 22.43 15.09
CA ASP A 278 -15.50 23.16 13.83
C ASP A 278 -15.41 22.21 12.65
N SER A 279 -14.64 21.13 12.79
CA SER A 279 -14.52 20.16 11.70
C SER A 279 -15.86 19.49 11.42
N ILE A 280 -16.61 19.14 12.46
CA ILE A 280 -17.91 18.50 12.26
C ILE A 280 -18.89 19.47 11.62
N TYR A 281 -18.92 20.72 12.10
CA TYR A 281 -19.81 21.71 11.52
C TYR A 281 -19.49 21.97 10.06
N PHE A 282 -18.22 21.83 9.68
CA PHE A 282 -17.79 22.09 8.32
C PHE A 282 -18.11 20.94 7.39
N GLY A 283 -18.62 19.83 7.92
CA GLY A 283 -19.01 18.69 7.12
C GLY A 283 -17.90 17.74 6.76
N LEU A 284 -16.70 17.94 7.30
CA LEU A 284 -15.56 17.12 6.91
C LEU A 284 -15.68 15.66 7.32
N CYS A 285 -16.55 15.34 8.27
CA CYS A 285 -16.62 13.99 8.82
C CYS A 285 -17.72 13.15 8.22
N GLY A 286 -18.46 13.66 7.25
CA GLY A 286 -19.62 12.94 6.76
C GLY A 286 -19.63 12.58 5.30
N PHE A 287 -18.62 12.98 4.53
CA PHE A 287 -18.68 12.70 3.10
C PHE A 287 -18.20 11.30 2.78
N ASN A 288 -17.12 10.85 3.42
CA ASN A 288 -16.73 9.45 3.28
C ASN A 288 -17.85 8.53 3.76
N SER A 289 -18.45 8.88 4.89
CA SER A 289 -19.52 8.04 5.44
C SER A 289 -20.73 8.00 4.52
N THR A 290 -21.14 9.14 3.96
CA THR A 290 -22.29 9.14 3.08
C THR A 290 -22.00 8.37 1.79
N LEU A 291 -20.79 8.51 1.25
CA LEU A 291 -20.45 7.74 0.06
C LEU A 291 -20.48 6.24 0.35
N ALA A 292 -19.93 5.83 1.49
CA ALA A 292 -19.93 4.41 1.84
C ALA A 292 -21.35 3.90 2.03
N CYS A 293 -22.19 4.68 2.70
CA CYS A 293 -23.57 4.26 2.91
C CYS A 293 -24.32 4.13 1.60
N ILE A 294 -24.12 5.07 0.68
CA ILE A 294 -24.77 4.96 -0.63
C ILE A 294 -24.28 3.72 -1.36
N ALA A 295 -22.97 3.47 -1.33
CA ALA A 295 -22.40 2.36 -2.10
C ALA A 295 -22.88 1.02 -1.57
N ILE A 296 -22.91 0.85 -0.25
CA ILE A 296 -23.23 -0.46 0.32
C ILE A 296 -24.73 -0.64 0.56
N GLY A 297 -25.49 0.45 0.63
CA GLY A 297 -26.88 0.37 1.02
C GLY A 297 -27.78 -0.40 0.08
N GLY A 298 -27.99 0.11 -1.12
CA GLY A 298 -28.97 -0.51 -1.98
C GLY A 298 -28.55 -0.73 -3.41
N MET A 299 -27.36 -0.27 -3.79
CA MET A 299 -26.93 -0.44 -5.18
C MET A 299 -26.10 -1.70 -5.38
N PHE A 300 -24.94 -1.78 -4.73
CA PHE A 300 -24.06 -2.90 -4.97
C PHE A 300 -24.43 -4.10 -4.12
N TYR A 301 -25.34 -3.92 -3.17
CA TYR A 301 -26.00 -5.00 -2.47
C TYR A 301 -27.49 -4.82 -2.67
N VAL A 302 -28.21 -5.91 -2.90
CA VAL A 302 -29.66 -5.81 -3.02
C VAL A 302 -30.22 -5.28 -1.72
N ILE A 303 -31.06 -4.25 -1.82
CA ILE A 303 -31.49 -3.52 -0.63
C ILE A 303 -32.34 -4.42 0.26
N THR A 304 -31.88 -4.63 1.48
CA THR A 304 -32.59 -5.41 2.48
C THR A 304 -32.16 -4.89 3.84
N TRP A 305 -32.99 -5.15 4.85
CA TRP A 305 -32.69 -4.64 6.19
C TRP A 305 -31.34 -5.14 6.68
N GLN A 306 -30.97 -6.37 6.32
CA GLN A 306 -29.62 -6.85 6.61
C GLN A 306 -28.58 -5.99 5.92
N THR A 307 -28.76 -5.72 4.63
CA THR A 307 -27.84 -4.86 3.91
C THR A 307 -27.91 -3.42 4.43
N HIS A 308 -29.07 -3.01 4.94
CA HIS A 308 -29.17 -1.67 5.53
C HIS A 308 -28.29 -1.56 6.77
N LEU A 309 -28.37 -2.56 7.66
CA LEU A 309 -27.49 -2.56 8.83
C LEU A 309 -26.03 -2.66 8.41
N LEU A 310 -25.74 -3.44 7.38
CA LEU A 310 -24.38 -3.51 6.86
C LEU A 310 -23.92 -2.15 6.36
N ALA A 311 -24.81 -1.40 5.71
CA ALA A 311 -24.44 -0.07 5.23
C ALA A 311 -24.18 0.88 6.37
N ILE A 312 -24.97 0.80 7.45
CA ILE A 312 -24.71 1.65 8.61
C ILE A 312 -23.36 1.29 9.23
N ALA A 313 -23.06 0.00 9.33
CA ALA A 313 -21.76 -0.43 9.84
C ALA A 313 -20.64 0.07 8.95
N CYS A 314 -20.84 0.04 7.63
CA CYS A 314 -19.85 0.54 6.70
C CYS A 314 -19.65 2.04 6.87
N ALA A 315 -20.73 2.77 7.15
CA ALA A 315 -20.60 4.20 7.41
C ALA A 315 -19.77 4.46 8.66
N LEU A 316 -20.00 3.67 9.71
CA LEU A 316 -19.19 3.83 10.93
C LEU A 316 -17.72 3.52 10.65
N PHE A 317 -17.45 2.42 9.96
CA PHE A 317 -16.08 2.06 9.62
C PHE A 317 -15.44 3.15 8.77
N ALA A 318 -16.19 3.72 7.83
CA ALA A 318 -15.65 4.75 6.96
C ALA A 318 -15.37 6.03 7.72
N ALA A 319 -16.21 6.39 8.68
CA ALA A 319 -15.95 7.60 9.46
C ALA A 319 -14.72 7.44 10.34
N TYR A 320 -14.60 6.30 11.02
CA TYR A 320 -13.41 6.07 11.85
C TYR A 320 -12.16 6.02 10.99
N LEU A 321 -12.22 5.33 9.86
CA LEU A 321 -11.09 5.29 8.94
C LEU A 321 -10.81 6.68 8.37
N GLY A 322 -11.83 7.52 8.22
CA GLY A 322 -11.61 8.88 7.78
C GLY A 322 -10.81 9.68 8.77
N ALA A 323 -11.16 9.57 10.06
CA ALA A 323 -10.36 10.23 11.08
C ALA A 323 -8.93 9.70 11.08
N ALA A 324 -8.78 8.37 10.98
CA ALA A 324 -7.45 7.78 10.99
C ALA A 324 -6.61 8.26 9.82
N LEU A 325 -7.18 8.24 8.63
CA LEU A 325 -6.44 8.68 7.45
C LEU A 325 -6.18 10.17 7.46
N ALA A 326 -7.08 10.96 8.05
CA ALA A 326 -6.78 12.38 8.20
C ALA A 326 -5.56 12.58 9.07
N ASN A 327 -5.53 11.92 10.22
CA ASN A 327 -4.38 12.07 11.11
C ASN A 327 -3.09 11.57 10.46
N MET A 328 -3.15 10.45 9.75
CA MET A 328 -1.94 9.91 9.12
C MET A 328 -1.48 10.80 7.98
N LEU A 329 -2.39 11.17 7.08
CA LEU A 329 -2.01 11.88 5.86
C LEU A 329 -1.66 13.34 6.15
N SER A 330 -2.12 13.87 7.28
CA SER A 330 -1.71 15.23 7.65
C SER A 330 -0.21 15.33 7.84
N VAL A 331 0.48 14.20 8.09
CA VAL A 331 1.93 14.22 8.23
C VAL A 331 2.57 14.65 6.91
N PHE A 332 2.12 14.08 5.80
CA PHE A 332 2.63 14.49 4.50
C PHE A 332 2.05 15.81 4.05
N GLY A 333 1.08 16.36 4.76
CA GLY A 333 0.38 17.56 4.31
C GLY A 333 -0.77 17.30 3.38
N LEU A 334 -1.15 16.06 3.16
CA LEU A 334 -2.23 15.71 2.26
C LEU A 334 -3.52 15.47 3.04
N PRO A 335 -4.66 15.73 2.42
CA PRO A 335 -5.94 15.42 3.05
C PRO A 335 -6.39 14.01 2.68
N PRO A 336 -7.27 13.42 3.47
CA PRO A 336 -7.82 12.09 3.13
C PRO A 336 -8.99 12.23 2.15
N CYS A 337 -8.66 12.51 0.90
CA CYS A 337 -9.67 12.79 -0.12
C CYS A 337 -10.26 11.48 -0.61
N THR A 338 -11.34 11.06 0.04
CA THR A 338 -12.20 9.95 -0.38
C THR A 338 -11.50 8.59 -0.30
N TRP A 339 -10.26 8.56 0.17
CA TRP A 339 -9.64 7.26 0.48
C TRP A 339 -10.44 6.43 1.47
N PRO A 340 -10.95 6.98 2.57
CA PRO A 340 -11.68 6.12 3.53
C PRO A 340 -12.89 5.43 2.93
N PHE A 341 -13.68 6.15 2.15
CA PHE A 341 -14.82 5.53 1.48
C PHE A 341 -14.36 4.39 0.59
N CYS A 342 -13.29 4.61 -0.17
CA CYS A 342 -12.78 3.57 -1.04
C CYS A 342 -12.43 2.33 -0.25
N LEU A 343 -11.62 2.47 0.79
CA LEU A 343 -11.16 1.31 1.53
C LEU A 343 -12.33 0.59 2.21
N SER A 344 -13.23 1.35 2.83
CA SER A 344 -14.35 0.73 3.53
C SER A 344 -15.30 0.01 2.57
N ALA A 345 -15.66 0.66 1.47
CA ALA A 345 -16.58 0.04 0.53
C ALA A 345 -15.96 -1.19 -0.12
N LEU A 346 -14.66 -1.12 -0.46
CA LEU A 346 -14.02 -2.28 -1.05
C LEU A 346 -13.91 -3.43 -0.05
N THR A 347 -13.61 -3.14 1.22
CA THR A 347 -13.54 -4.21 2.19
C THR A 347 -14.92 -4.73 2.56
N PHE A 348 -15.98 -3.98 2.29
CA PHE A 348 -17.33 -4.46 2.57
C PHE A 348 -17.99 -5.11 1.38
N LEU A 349 -17.47 -4.92 0.17
CA LEU A 349 -17.95 -5.66 -0.99
C LEU A 349 -17.28 -7.01 -1.11
N LEU A 350 -16.05 -7.15 -0.64
CA LEU A 350 -15.37 -8.42 -0.63
C LEU A 350 -15.88 -9.36 0.46
N LEU A 351 -16.66 -8.84 1.40
CA LEU A 351 -17.19 -9.67 2.47
C LEU A 351 -18.05 -10.79 1.89
N THR A 352 -17.80 -12.01 2.33
CA THR A 352 -18.56 -13.18 1.90
C THR A 352 -19.38 -13.68 3.07
N THR A 353 -20.70 -13.79 2.86
CA THR A 353 -21.63 -14.14 3.91
C THR A 353 -22.54 -15.24 3.41
N ASN A 354 -22.82 -16.22 4.27
CA ASN A 354 -23.54 -17.41 3.83
C ASN A 354 -25.03 -17.18 3.66
N ASN A 355 -25.63 -16.27 4.42
CA ASN A 355 -27.08 -16.11 4.36
C ASN A 355 -27.48 -15.50 3.01
N PRO A 356 -28.67 -15.87 2.50
CA PRO A 356 -29.06 -15.39 1.17
C PRO A 356 -29.55 -13.95 1.13
N ALA A 357 -29.75 -13.31 2.28
CA ALA A 357 -30.25 -11.94 2.28
C ALA A 357 -29.20 -10.97 1.76
N ILE A 358 -27.93 -11.21 2.08
CA ILE A 358 -26.84 -10.33 1.66
C ILE A 358 -26.37 -10.83 0.29
N TYR A 359 -26.86 -10.18 -0.76
CA TYR A 359 -26.56 -10.58 -2.14
C TYR A 359 -25.83 -9.45 -2.84
N LYS A 360 -24.73 -9.79 -3.51
CA LYS A 360 -23.92 -8.82 -4.23
C LYS A 360 -24.22 -8.96 -5.73
N LEU A 361 -24.60 -7.86 -6.36
CA LEU A 361 -25.00 -7.90 -7.76
C LEU A 361 -23.78 -7.93 -8.67
N PRO A 362 -23.85 -8.63 -9.79
CA PRO A 362 -22.84 -8.48 -10.83
C PRO A 362 -22.81 -7.06 -11.36
N LEU A 363 -21.61 -6.56 -11.66
CA LEU A 363 -21.46 -5.17 -12.07
C LEU A 363 -22.18 -4.85 -13.37
N SER A 364 -22.40 -5.84 -14.23
CA SER A 364 -23.03 -5.54 -15.51
C SER A 364 -24.48 -5.11 -15.37
N LYS A 365 -25.09 -5.30 -14.20
CA LYS A 365 -26.52 -5.09 -14.02
C LYS A 365 -26.79 -4.29 -12.75
N VAL A 366 -26.07 -3.18 -12.58
CA VAL A 366 -26.23 -2.30 -11.43
C VAL A 366 -26.64 -0.93 -11.95
N THR A 367 -27.87 -0.51 -11.65
CA THR A 367 -28.35 0.81 -12.05
C THR A 367 -28.67 1.70 -10.87
N TYR A 368 -29.56 1.28 -9.98
CA TYR A 368 -29.95 2.05 -8.80
C TYR A 368 -30.82 1.16 -7.92
N PRO A 369 -30.93 1.47 -6.62
CA PRO A 369 -31.46 0.46 -5.68
C PRO A 369 -32.83 -0.08 -6.01
N GLU A 370 -33.76 0.76 -6.48
CA GLU A 370 -35.09 0.24 -6.82
C GLU A 370 -35.01 -0.73 -7.98
N ALA A 371 -34.32 -0.34 -9.06
CA ALA A 371 -34.17 -1.24 -10.19
C ALA A 371 -33.36 -2.47 -9.82
N ASN A 372 -32.39 -2.32 -8.93
CA ASN A 372 -31.63 -3.48 -8.47
C ASN A 372 -32.52 -4.48 -7.75
N ARG A 373 -33.37 -3.99 -6.85
CA ARG A 373 -34.27 -4.89 -6.14
C ARG A 373 -35.28 -5.52 -7.09
N ILE A 374 -35.76 -4.75 -8.07
CA ILE A 374 -36.66 -5.30 -9.07
C ILE A 374 -35.99 -6.43 -9.85
N TYR A 375 -34.74 -6.20 -10.26
CA TYR A 375 -34.00 -7.24 -10.98
C TYR A 375 -33.78 -8.48 -10.12
N TYR A 376 -33.43 -8.28 -8.85
CA TYR A 376 -33.22 -9.42 -7.97
C TYR A 376 -34.50 -10.22 -7.80
N LEU A 377 -35.63 -9.53 -7.61
CA LEU A 377 -36.90 -10.23 -7.45
C LEU A 377 -37.31 -10.96 -8.72
N SER A 378 -37.03 -10.37 -9.88
CA SER A 378 -37.37 -11.05 -11.14
C SER A 378 -36.50 -12.28 -11.35
N GLN A 379 -35.19 -12.16 -11.11
CA GLN A 379 -34.29 -13.28 -11.31
C GLN A 379 -34.58 -14.40 -10.33
N GLU A 380 -34.91 -14.05 -9.08
CA GLU A 380 -35.21 -15.07 -8.08
C GLU A 380 -36.44 -15.87 -8.47
N ARG A 381 -37.47 -15.22 -8.98
CA ARG A 381 -38.69 -15.92 -9.38
C ARG A 381 -38.55 -16.53 -10.77
N LYS B 51 -22.97 -30.82 23.77
CA LYS B 51 -23.11 -30.16 25.07
C LYS B 51 -23.85 -28.84 24.94
N SER B 52 -23.88 -28.07 26.03
CA SER B 52 -24.57 -26.79 26.01
C SER B 52 -23.87 -25.83 25.07
N PRO B 53 -24.63 -24.99 24.35
CA PRO B 53 -24.00 -24.04 23.42
C PRO B 53 -23.00 -23.11 24.07
N VAL B 54 -23.19 -22.75 25.34
CA VAL B 54 -22.26 -21.84 26.00
C VAL B 54 -20.88 -22.48 26.12
N PHE B 55 -20.83 -23.77 26.47
CA PHE B 55 -19.56 -24.46 26.56
C PHE B 55 -18.86 -24.51 25.21
N GLN B 56 -19.61 -24.77 24.14
CA GLN B 56 -19.00 -24.78 22.81
C GLN B 56 -18.48 -23.39 22.44
N PHE B 57 -19.23 -22.34 22.80
CA PHE B 57 -18.76 -20.99 22.51
C PHE B 57 -17.48 -20.68 23.26
N PHE B 58 -17.39 -21.07 24.53
CA PHE B 58 -16.16 -20.83 25.27
C PHE B 58 -15.01 -21.67 24.72
N ASP B 59 -15.30 -22.87 24.23
CA ASP B 59 -14.28 -23.64 23.52
C ASP B 59 -13.78 -22.89 22.29
N TRP B 60 -14.70 -22.30 21.53
CA TRP B 60 -14.31 -21.52 20.36
C TRP B 60 -13.44 -20.34 20.77
N VAL B 61 -13.78 -19.67 21.87
CA VAL B 61 -12.99 -18.54 22.35
C VAL B 61 -11.59 -19.00 22.73
N LEU B 62 -11.49 -20.13 23.42
CA LEU B 62 -10.18 -20.63 23.83
C LEU B 62 -9.32 -20.98 22.62
N ARG B 63 -9.91 -21.68 21.63
CA ARG B 63 -9.14 -22.03 20.45
C ARG B 63 -8.75 -20.78 19.67
N GLY B 64 -9.62 -19.78 19.64
CA GLY B 64 -9.26 -18.53 18.99
C GLY B 64 -8.10 -17.83 19.67
N THR B 65 -8.12 -17.75 21.00
CA THR B 65 -7.01 -17.11 21.69
C THR B 65 -5.75 -17.95 21.63
N SER B 66 -5.85 -19.23 21.26
CA SER B 66 -4.66 -20.04 21.05
C SER B 66 -4.11 -19.94 19.63
N GLN B 67 -4.96 -19.66 18.64
CA GLN B 67 -4.53 -19.58 17.24
C GLN B 67 -3.47 -18.51 16.96
N VAL B 68 -3.13 -17.70 17.95
CA VAL B 68 -2.20 -16.59 17.71
C VAL B 68 -0.83 -17.11 17.31
N MET B 69 -0.31 -18.08 18.07
CA MET B 69 0.88 -18.80 17.66
C MET B 69 0.57 -20.00 16.79
N PHE B 70 -0.56 -19.98 16.10
CA PHE B 70 -0.95 -21.02 15.15
C PHE B 70 -1.23 -22.34 15.84
N VAL B 71 -1.77 -22.29 17.05
CA VAL B 71 -2.04 -23.47 17.86
C VAL B 71 -3.55 -23.61 18.02
N ASN B 72 -4.05 -24.80 17.75
CA ASN B 72 -5.48 -25.10 17.88
C ASN B 72 -5.62 -26.10 19.03
N ASN B 73 -5.69 -25.57 20.25
CA ASN B 73 -5.81 -26.43 21.42
C ASN B 73 -6.43 -25.64 22.56
N PRO B 74 -7.59 -26.06 23.07
CA PRO B 74 -8.23 -25.30 24.16
C PRO B 74 -7.37 -25.19 25.41
N LEU B 75 -6.61 -26.23 25.74
CA LEU B 75 -5.73 -26.16 26.90
C LEU B 75 -4.65 -25.09 26.70
N SER B 76 -4.13 -24.98 25.48
CA SER B 76 -3.20 -23.90 25.19
C SER B 76 -3.86 -22.55 25.38
N GLY B 77 -5.14 -22.44 25.01
CA GLY B 77 -5.87 -21.21 25.25
C GLY B 77 -5.98 -20.89 26.73
N ILE B 78 -6.26 -21.90 27.55
CA ILE B 78 -6.34 -21.69 28.99
C ILE B 78 -5.00 -21.21 29.54
N LEU B 79 -3.92 -21.85 29.09
CA LEU B 79 -2.59 -21.43 29.55
C LEU B 79 -2.29 -20.01 29.12
N ILE B 80 -2.68 -19.63 27.91
CA ILE B 80 -2.41 -18.27 27.44
C ILE B 80 -3.22 -17.25 28.24
N ILE B 81 -4.48 -17.57 28.54
CA ILE B 81 -5.28 -16.66 29.37
C ILE B 81 -4.67 -16.53 30.76
N LEU B 82 -4.18 -17.64 31.31
CA LEU B 82 -3.51 -17.59 32.60
C LEU B 82 -2.27 -16.72 32.54
N GLY B 83 -1.50 -16.83 31.47
CA GLY B 83 -0.33 -15.97 31.31
C GLY B 83 -0.71 -14.51 31.23
N LEU B 84 -1.81 -14.21 30.54
CA LEU B 84 -2.28 -12.83 30.46
C LEU B 84 -2.69 -12.30 31.83
N PHE B 85 -3.38 -13.12 32.63
CA PHE B 85 -3.66 -12.71 34.02
C PHE B 85 -2.37 -12.48 34.79
N ILE B 86 -1.35 -13.32 34.56
CA ILE B 86 -0.08 -13.11 35.25
C ILE B 86 0.54 -11.78 34.85
N GLN B 87 0.44 -11.42 33.58
CA GLN B 87 1.05 -10.18 33.11
C GLN B 87 0.29 -8.96 33.61
N ASN B 88 -0.95 -8.82 33.19
CA ASN B 88 -1.76 -7.66 33.57
C ASN B 88 -3.24 -8.01 33.45
N PRO B 89 -3.98 -8.04 34.56
CA PRO B 89 -5.40 -8.42 34.48
C PRO B 89 -6.22 -7.51 33.58
N TRP B 90 -5.92 -6.21 33.54
CA TRP B 90 -6.67 -5.32 32.67
C TRP B 90 -6.47 -5.67 31.21
N TRP B 91 -5.22 -5.93 30.81
CA TRP B 91 -4.95 -6.31 29.43
C TRP B 91 -5.66 -7.60 29.07
N ALA B 92 -5.67 -8.56 30.00
CA ALA B 92 -6.33 -9.82 29.74
C ALA B 92 -7.84 -9.65 29.61
N ILE B 93 -8.44 -8.80 30.44
CA ILE B 93 -9.87 -8.52 30.32
C ILE B 93 -10.17 -7.93 28.95
N SER B 94 -9.36 -6.97 28.53
CA SER B 94 -9.56 -6.37 27.22
C SER B 94 -9.44 -7.40 26.11
N GLY B 95 -8.44 -8.28 26.20
CA GLY B 95 -8.26 -9.29 25.17
C GLY B 95 -9.41 -10.29 25.12
N CYS B 96 -9.89 -10.72 26.29
CA CYS B 96 -11.01 -11.66 26.32
C CYS B 96 -12.26 -11.02 25.76
N LEU B 97 -12.52 -9.75 26.09
CA LEU B 97 -13.67 -9.07 25.50
C LEU B 97 -13.52 -8.97 23.99
N GLY B 98 -12.32 -8.66 23.51
CA GLY B 98 -12.10 -8.62 22.08
C GLY B 98 -12.39 -9.95 21.40
N THR B 99 -11.90 -11.04 21.99
CA THR B 99 -12.14 -12.36 21.42
C THR B 99 -13.62 -12.69 21.40
N ILE B 100 -14.31 -12.41 22.50
CA ILE B 100 -15.72 -12.75 22.59
C ILE B 100 -16.52 -11.99 21.56
N MET B 101 -16.31 -10.67 21.46
CA MET B 101 -17.09 -9.90 20.50
C MET B 101 -16.70 -10.23 19.07
N SER B 102 -15.44 -10.59 18.81
CA SER B 102 -15.08 -11.04 17.47
C SER B 102 -15.81 -12.32 17.09
N THR B 103 -15.92 -13.26 18.02
CA THR B 103 -16.63 -14.49 17.71
C THR B 103 -18.12 -14.26 17.53
N LEU B 104 -18.71 -13.38 18.35
CA LEU B 104 -20.11 -13.02 18.11
C LEU B 104 -20.30 -12.38 16.75
N THR B 105 -19.39 -11.49 16.34
CA THR B 105 -19.51 -10.89 15.02
C THR B 105 -19.39 -11.95 13.93
N ALA B 106 -18.50 -12.92 14.11
CA ALA B 106 -18.37 -13.98 13.13
C ALA B 106 -19.64 -14.79 13.02
N LEU B 107 -20.26 -15.13 14.16
CA LEU B 107 -21.52 -15.88 14.11
C LEU B 107 -22.64 -15.06 13.48
N ILE B 108 -22.71 -13.77 13.80
CA ILE B 108 -23.75 -12.92 13.26
C ILE B 108 -23.64 -12.84 11.74
N LEU B 109 -22.42 -12.67 11.25
CA LEU B 109 -22.19 -12.55 9.81
C LEU B 109 -22.20 -13.89 9.10
N SER B 110 -22.72 -14.94 9.74
CA SER B 110 -22.94 -16.23 9.10
C SER B 110 -21.67 -16.75 8.42
N GLN B 111 -20.54 -16.63 9.12
CA GLN B 111 -19.30 -17.15 8.61
C GLN B 111 -19.31 -18.68 8.70
N ASP B 112 -18.25 -19.29 8.16
CA ASP B 112 -18.16 -20.75 8.15
C ASP B 112 -18.10 -21.28 9.58
N LYS B 113 -18.91 -22.31 9.86
CA LYS B 113 -18.94 -22.87 11.20
C LYS B 113 -17.65 -23.60 11.53
N SER B 114 -17.02 -24.25 10.55
CA SER B 114 -15.76 -24.94 10.81
C SER B 114 -14.66 -23.95 11.18
N ALA B 115 -14.60 -22.82 10.48
CA ALA B 115 -13.58 -21.82 10.79
C ALA B 115 -13.79 -21.24 12.18
N ILE B 116 -15.04 -20.96 12.55
CA ILE B 116 -15.31 -20.45 13.90
C ILE B 116 -14.95 -21.49 14.95
N ALA B 117 -15.31 -22.75 14.71
CA ALA B 117 -15.02 -23.80 15.67
C ALA B 117 -13.51 -23.99 15.84
N ALA B 118 -12.75 -23.86 14.74
CA ALA B 118 -11.30 -23.94 14.85
C ALA B 118 -10.74 -22.79 15.66
N GLY B 119 -11.33 -21.60 15.52
CA GLY B 119 -10.86 -20.44 16.24
C GLY B 119 -10.31 -19.40 15.29
N PHE B 120 -10.58 -19.59 14.00
CA PHE B 120 -10.01 -18.71 12.99
CA PHE B 120 -10.04 -18.72 12.96
C PHE B 120 -10.52 -17.28 13.10
N HIS B 121 -11.67 -17.06 13.75
CA HIS B 121 -12.23 -15.73 13.85
C HIS B 121 -12.03 -15.11 15.22
N GLY B 122 -11.32 -15.78 16.13
CA GLY B 122 -11.10 -15.23 17.45
C GLY B 122 -9.67 -14.79 17.68
N TYR B 123 -8.76 -15.20 16.80
CA TYR B 123 -7.35 -14.89 17.02
C TYR B 123 -6.99 -13.47 16.63
N ASN B 124 -7.91 -12.72 16.05
CA ASN B 124 -7.68 -11.29 15.83
C ASN B 124 -8.30 -10.42 16.90
N GLY B 125 -9.41 -10.86 17.51
CA GLY B 125 -10.01 -10.09 18.57
C GLY B 125 -9.14 -9.99 19.80
N VAL B 126 -8.46 -11.08 20.17
CA VAL B 126 -7.63 -11.07 21.37
C VAL B 126 -6.49 -10.07 21.22
N LEU B 127 -5.82 -10.08 20.07
CA LEU B 127 -4.76 -9.11 19.84
C LEU B 127 -5.31 -7.69 19.81
N VAL B 128 -6.48 -7.51 19.20
CA VAL B 128 -7.07 -6.17 19.16
C VAL B 128 -7.28 -5.64 20.56
N GLY B 129 -7.92 -6.43 21.42
CA GLY B 129 -8.15 -5.97 22.79
C GLY B 129 -6.85 -5.74 23.55
N LEU B 130 -5.91 -6.68 23.43
CA LEU B 130 -4.66 -6.56 24.17
C LEU B 130 -3.89 -5.31 23.75
N LEU B 131 -3.87 -5.00 22.46
CA LEU B 131 -3.12 -3.85 21.99
C LEU B 131 -3.90 -2.55 22.12
N MET B 132 -5.22 -2.62 22.28
CA MET B 132 -5.95 -1.46 22.77
C MET B 132 -5.50 -1.12 24.18
N ALA B 133 -5.37 -2.15 25.02
CA ALA B 133 -5.01 -1.92 26.41
C ALA B 133 -3.54 -1.53 26.57
N VAL B 134 -2.66 -2.06 25.72
CA VAL B 134 -1.23 -1.80 25.88
C VAL B 134 -0.91 -0.35 25.55
N PHE B 135 -1.51 0.19 24.48
CA PHE B 135 -1.24 1.55 24.02
C PHE B 135 -2.29 2.53 24.50
N SER B 136 -2.79 2.36 25.72
CA SER B 136 -3.71 3.31 26.33
C SER B 136 -2.95 4.18 27.32
N ASP B 137 -3.12 5.49 27.21
CA ASP B 137 -2.43 6.43 28.07
C ASP B 137 -3.18 6.72 29.36
N LYS B 138 -4.39 6.18 29.53
CA LYS B 138 -5.20 6.45 30.70
C LYS B 138 -4.92 5.50 31.86
N GLY B 139 -3.98 4.58 31.71
CA GLY B 139 -3.65 3.67 32.77
C GLY B 139 -4.45 2.38 32.72
N ASP B 140 -4.55 1.74 33.87
CA ASP B 140 -5.25 0.47 33.99
C ASP B 140 -6.69 0.68 34.43
N TYR B 141 -7.56 -0.24 34.00
CA TYR B 141 -8.97 -0.22 34.34
C TYR B 141 -9.64 1.09 33.95
N TYR B 142 -9.24 1.63 32.81
CA TYR B 142 -9.97 2.71 32.16
C TYR B 142 -11.13 2.06 31.43
N TRP B 143 -12.26 1.92 32.13
CA TRP B 143 -13.34 1.08 31.65
C TRP B 143 -13.89 1.52 30.30
N TRP B 144 -13.88 2.82 30.02
CA TRP B 144 -14.43 3.29 28.75
C TRP B 144 -13.66 2.73 27.55
N LEU B 145 -12.40 2.34 27.75
CA LEU B 145 -11.64 1.72 26.67
C LEU B 145 -12.31 0.46 26.15
N LEU B 146 -13.16 -0.18 26.96
CA LEU B 146 -13.86 -1.37 26.47
C LEU B 146 -14.77 -1.02 25.30
N LEU B 147 -15.30 0.20 25.26
CA LEU B 147 -16.23 0.55 24.19
C LEU B 147 -15.57 0.53 22.81
N PRO B 148 -14.40 1.15 22.58
CA PRO B 148 -13.70 0.90 21.33
C PRO B 148 -13.41 -0.58 21.10
N VAL B 149 -13.03 -1.30 22.15
CA VAL B 149 -12.63 -2.70 22.02
C VAL B 149 -13.78 -3.51 21.45
N ILE B 150 -15.00 -3.26 21.93
CA ILE B 150 -16.16 -3.93 21.36
C ILE B 150 -16.32 -3.57 19.90
N ILE B 151 -16.21 -2.28 19.56
CA ILE B 151 -16.48 -1.87 18.19
C ILE B 151 -15.41 -2.38 17.24
N MET B 152 -14.14 -2.13 17.56
CA MET B 152 -13.07 -2.54 16.66
C MET B 152 -13.00 -4.03 16.46
N SER B 153 -13.29 -4.81 17.49
CA SER B 153 -13.29 -6.27 17.33
C SER B 153 -14.39 -6.74 16.40
N MET B 154 -15.44 -5.94 16.20
CA MET B 154 -16.42 -6.30 15.17
C MET B 154 -15.81 -6.28 13.78
N SER B 155 -14.78 -5.47 13.57
CA SER B 155 -14.17 -5.36 12.25
C SER B 155 -13.19 -6.47 11.95
N CYS B 156 -12.79 -7.26 12.95
CA CYS B 156 -11.87 -8.37 12.68
C CYS B 156 -12.49 -9.42 11.76
N PRO B 157 -13.72 -9.92 11.99
CA PRO B 157 -14.27 -10.90 11.05
C PRO B 157 -14.43 -10.35 9.64
N ILE B 158 -14.99 -9.14 9.51
CA ILE B 158 -15.21 -8.56 8.19
C ILE B 158 -13.92 -8.56 7.39
N LEU B 159 -12.89 -7.91 7.93
CA LEU B 159 -11.59 -7.91 7.26
C LEU B 159 -11.13 -9.34 6.98
N SER B 160 -11.27 -10.22 7.96
CA SER B 160 -10.81 -11.60 7.79
C SER B 160 -11.52 -12.26 6.61
N SER B 161 -12.80 -11.93 6.41
CA SER B 161 -13.46 -12.42 5.21
C SER B 161 -12.94 -11.70 3.97
N ALA B 162 -12.86 -10.37 4.04
CA ALA B 162 -12.52 -9.59 2.85
C ALA B 162 -11.15 -9.97 2.33
N LEU B 163 -10.13 -9.93 3.19
CA LEU B 163 -8.80 -10.35 2.78
C LEU B 163 -8.83 -11.79 2.27
N GLY B 164 -9.64 -12.64 2.88
CA GLY B 164 -9.73 -14.01 2.38
C GLY B 164 -10.15 -14.05 0.93
N THR B 165 -11.15 -13.24 0.55
CA THR B 165 -11.57 -13.21 -0.84
C THR B 165 -10.44 -12.73 -1.75
N ILE B 166 -9.60 -11.82 -1.24
CA ILE B 166 -8.42 -11.43 -2.00
C ILE B 166 -7.40 -12.55 -2.01
N PHE B 167 -7.21 -13.23 -0.89
CA PHE B 167 -6.09 -14.15 -0.75
C PHE B 167 -6.41 -15.56 -1.23
N SER B 168 -7.67 -15.84 -1.57
CA SER B 168 -8.02 -17.16 -2.07
C SER B 168 -7.45 -17.42 -3.45
N LYS B 169 -7.17 -16.38 -4.23
CA LYS B 169 -6.70 -16.59 -5.59
C LYS B 169 -5.29 -17.17 -5.63
N TRP B 170 -4.48 -16.87 -4.62
CA TRP B 170 -3.13 -17.41 -4.52
C TRP B 170 -3.00 -18.39 -3.37
N ASP B 171 -4.12 -18.88 -2.84
CA ASP B 171 -4.14 -19.86 -1.76
C ASP B 171 -3.29 -19.37 -0.58
N LEU B 172 -3.43 -18.10 -0.26
CA LEU B 172 -2.69 -17.57 0.88
C LEU B 172 -3.61 -17.42 2.08
N PRO B 173 -3.18 -17.90 3.23
CA PRO B 173 -3.94 -17.65 4.46
C PRO B 173 -3.66 -16.25 4.97
N VAL B 174 -4.60 -15.73 5.72
CA VAL B 174 -4.42 -14.42 6.34
C VAL B 174 -3.73 -14.59 7.69
N PHE B 175 -2.81 -13.69 8.00
CA PHE B 175 -1.90 -13.79 9.14
C PHE B 175 -1.98 -12.60 10.08
N THR B 176 -3.18 -12.32 10.60
CA THR B 176 -3.41 -11.34 11.65
C THR B 176 -3.43 -9.95 11.00
N LEU B 177 -3.52 -9.91 9.68
CA LEU B 177 -3.73 -8.66 8.97
C LEU B 177 -4.98 -7.90 9.45
N PRO B 178 -6.11 -8.57 9.72
CA PRO B 178 -7.24 -7.82 10.27
C PRO B 178 -6.89 -7.09 11.55
N PHE B 179 -6.11 -7.72 12.43
CA PHE B 179 -5.61 -7.03 13.61
C PHE B 179 -4.79 -5.81 13.26
N ASN B 180 -3.83 -5.95 12.34
CA ASN B 180 -2.97 -4.82 12.01
C ASN B 180 -3.78 -3.67 11.44
N ILE B 181 -4.68 -3.97 10.51
CA ILE B 181 -5.48 -2.90 9.89
C ILE B 181 -6.36 -2.23 10.93
N THR B 182 -7.04 -3.03 11.77
CA THR B 182 -7.96 -2.45 12.74
C THR B 182 -7.21 -1.61 13.78
N VAL B 183 -6.11 -2.12 14.30
CA VAL B 183 -5.38 -1.39 15.33
C VAL B 183 -4.70 -0.15 14.76
N THR B 184 -4.17 -0.25 13.55
CA THR B 184 -3.65 0.95 12.90
C THR B 184 -4.75 1.99 12.72
N LEU B 185 -5.94 1.55 12.30
CA LEU B 185 -7.07 2.45 12.19
C LEU B 185 -7.36 3.14 13.52
N TYR B 186 -7.46 2.36 14.59
CA TYR B 186 -7.80 2.93 15.89
C TYR B 186 -6.74 3.90 16.37
N LEU B 187 -5.47 3.47 16.32
CA LEU B 187 -4.40 4.28 16.88
C LEU B 187 -4.16 5.54 16.06
N ALA B 188 -4.44 5.50 14.75
CA ALA B 188 -4.35 6.72 13.97
C ALA B 188 -5.54 7.63 14.23
N ALA B 189 -6.73 7.07 14.38
CA ALA B 189 -7.92 7.88 14.62
C ALA B 189 -7.81 8.60 15.96
N THR B 190 -7.35 7.91 17.00
CA THR B 190 -7.25 8.53 18.31
C THR B 190 -5.99 9.37 18.44
N GLY B 191 -4.83 8.75 18.33
CA GLY B 191 -3.58 9.47 18.46
C GLY B 191 -3.25 9.76 19.91
N HIS B 192 -2.08 10.36 20.11
CA HIS B 192 -1.64 10.69 21.45
C HIS B 192 -2.39 11.88 22.03
N TYR B 193 -2.99 12.71 21.19
CA TYR B 193 -3.65 13.93 21.64
C TYR B 193 -5.16 13.83 21.57
N ASN B 194 -5.71 12.62 21.74
CA ASN B 194 -7.15 12.44 21.77
C ASN B 194 -7.69 12.78 23.16
N LEU B 195 -8.89 13.36 23.19
CA LEU B 195 -9.48 13.76 24.45
C LEU B 195 -10.04 12.56 25.22
N PHE B 196 -10.49 11.53 24.51
CA PHE B 196 -11.17 10.40 25.13
C PHE B 196 -10.26 9.21 25.36
N PHE B 197 -9.54 8.77 24.32
CA PHE B 197 -8.71 7.58 24.40
C PHE B 197 -7.30 7.92 23.93
N PRO B 198 -6.54 8.67 24.72
CA PRO B 198 -5.17 9.00 24.32
C PRO B 198 -4.31 7.75 24.30
N THR B 199 -3.32 7.76 23.42
CA THR B 199 -2.41 6.63 23.24
C THR B 199 -1.00 7.03 23.65
N THR B 200 -0.19 6.01 23.94
CA THR B 200 1.20 6.24 24.30
C THR B 200 1.93 6.89 23.14
N LEU B 201 2.79 7.85 23.46
CA LEU B 201 3.43 8.66 22.44
C LEU B 201 4.62 7.90 21.84
N LEU B 202 4.58 7.69 20.53
CA LEU B 202 5.69 7.12 19.79
C LEU B 202 6.18 8.15 18.79
N GLN B 203 7.47 8.45 18.82
CA GLN B 203 8.04 9.45 17.93
C GLN B 203 9.34 8.95 17.33
N PRO B 204 9.66 9.38 16.12
CA PRO B 204 10.91 8.92 15.48
C PRO B 204 12.13 9.38 16.25
N ALA B 205 13.18 8.57 16.21
CA ALA B 205 14.42 8.94 16.87
C ALA B 205 15.09 10.08 16.11
N SER B 206 15.49 11.11 16.84
CA SER B 206 16.11 12.29 16.26
C SER B 206 17.55 12.48 16.72
N ALA B 207 18.13 11.48 17.38
CA ALA B 207 19.51 11.57 17.84
C ALA B 207 20.14 10.18 17.79
N MET B 208 21.46 10.16 17.68
CA MET B 208 22.17 8.89 17.61
C MET B 208 22.13 8.19 18.98
N PRO B 209 21.67 6.95 19.06
CA PRO B 209 21.62 6.26 20.35
C PRO B 209 23.01 6.03 20.90
N ASN B 210 23.10 6.02 22.23
CA ASN B 210 24.34 5.71 22.93
C ASN B 210 24.32 4.24 23.33
N ILE B 211 25.22 3.46 22.73
CA ILE B 211 25.25 2.02 22.91
C ILE B 211 26.60 1.67 23.51
N THR B 212 26.65 1.56 24.84
CA THR B 212 27.86 1.16 25.53
C THR B 212 27.93 -0.36 25.51
N TRP B 213 28.71 -0.91 24.56
CA TRP B 213 28.77 -2.35 24.39
C TRP B 213 29.40 -3.06 25.57
N SER B 214 30.15 -2.35 26.42
CA SER B 214 30.69 -2.97 27.62
C SER B 214 29.62 -3.17 28.69
N GLU B 215 28.46 -2.55 28.56
CA GLU B 215 27.38 -2.67 29.53
C GLU B 215 26.32 -3.68 29.12
N VAL B 216 26.54 -4.43 28.03
CA VAL B 216 25.56 -5.42 27.61
C VAL B 216 25.49 -6.54 28.64
N GLN B 217 24.28 -6.99 28.93
CA GLN B 217 24.05 -8.03 29.93
C GLN B 217 23.54 -9.28 29.21
N VAL B 218 24.41 -10.28 29.10
CA VAL B 218 24.02 -11.51 28.41
C VAL B 218 22.89 -12.26 29.12
N PRO B 219 22.71 -12.18 30.45
CA PRO B 219 21.51 -12.81 31.03
C PRO B 219 20.22 -12.21 30.47
N LEU B 220 20.13 -10.88 30.42
CA LEU B 220 18.93 -10.26 29.84
C LEU B 220 18.84 -10.50 28.35
N LEU B 221 20.00 -10.56 27.67
CA LEU B 221 19.99 -10.84 26.25
C LEU B 221 19.42 -12.22 25.95
N LEU B 222 19.76 -13.20 26.80
CA LEU B 222 19.18 -14.53 26.66
C LEU B 222 17.72 -14.54 27.06
N ARG B 223 17.37 -13.82 28.12
CA ARG B 223 15.99 -13.73 28.56
C ARG B 223 15.10 -13.03 27.54
N ALA B 224 15.70 -12.33 26.58
CA ALA B 224 14.92 -11.75 25.50
C ALA B 224 14.21 -12.79 24.65
N ILE B 225 14.60 -14.06 24.74
CA ILE B 225 13.94 -15.11 23.99
C ILE B 225 12.54 -15.40 24.55
N PRO B 226 12.38 -15.80 25.82
CA PRO B 226 11.01 -15.97 26.33
C PRO B 226 10.21 -14.68 26.31
N VAL B 227 10.85 -13.55 26.58
CA VAL B 227 10.15 -12.28 26.49
C VAL B 227 9.77 -11.99 25.05
N GLY B 228 10.63 -12.37 24.11
CA GLY B 228 10.27 -12.24 22.71
C GLY B 228 9.06 -13.09 22.35
N ILE B 229 8.95 -14.28 22.93
CA ILE B 229 7.77 -15.11 22.71
C ILE B 229 6.54 -14.45 23.30
N GLY B 230 6.65 -13.94 24.52
CA GLY B 230 5.52 -13.31 25.18
C GLY B 230 5.11 -11.99 24.59
N GLN B 231 6.00 -11.34 23.83
CA GLN B 231 5.68 -10.05 23.23
C GLN B 231 4.73 -10.18 22.05
N VAL B 232 4.44 -11.40 21.60
CA VAL B 232 3.45 -11.57 20.52
C VAL B 232 2.12 -10.96 20.92
N TYR B 233 1.72 -11.17 22.17
CA TYR B 233 0.50 -10.60 22.71
C TYR B 233 0.70 -9.21 23.28
N GLY B 234 1.92 -8.72 23.36
CA GLY B 234 2.22 -7.47 24.02
C GLY B 234 2.69 -7.61 25.45
N CYS B 235 2.80 -8.83 25.96
CA CYS B 235 3.22 -9.06 27.33
C CYS B 235 4.73 -9.08 27.44
N ASP B 236 5.27 -8.37 28.43
CA ASP B 236 6.70 -8.27 28.63
C ASP B 236 7.22 -9.09 29.80
N ASN B 237 6.35 -9.74 30.54
CA ASN B 237 6.77 -10.50 31.71
C ASN B 237 7.44 -11.79 31.27
N PRO B 238 8.67 -12.08 31.74
CA PRO B 238 9.30 -13.34 31.37
C PRO B 238 8.49 -14.56 31.77
N TRP B 239 7.76 -14.50 32.88
CA TRP B 239 6.99 -15.65 33.32
C TRP B 239 5.86 -15.96 32.35
N THR B 240 5.17 -14.94 31.84
CA THR B 240 4.14 -15.22 30.84
C THR B 240 4.76 -15.71 29.54
N GLY B 241 6.00 -15.32 29.25
CA GLY B 241 6.69 -15.90 28.12
C GLY B 241 6.95 -17.39 28.31
N GLY B 242 7.37 -17.78 29.52
CA GLY B 242 7.53 -19.20 29.80
C GLY B 242 6.22 -19.96 29.73
N ILE B 243 5.15 -19.36 30.25
CA ILE B 243 3.84 -19.99 30.14
C ILE B 243 3.44 -20.16 28.68
N PHE B 244 3.75 -19.17 27.85
CA PHE B 244 3.46 -19.28 26.43
C PHE B 244 4.26 -20.40 25.79
N LEU B 245 5.53 -20.51 26.15
CA LEU B 245 6.36 -21.59 25.60
C LEU B 245 5.80 -22.95 26.00
N ILE B 246 5.35 -23.07 27.24
CA ILE B 246 4.71 -24.32 27.67
C ILE B 246 3.45 -24.58 26.87
N ALA B 247 2.68 -23.53 26.60
CA ALA B 247 1.43 -23.68 25.86
C ALA B 247 1.69 -24.16 24.44
N LEU B 248 2.71 -23.61 23.78
CA LEU B 248 3.08 -24.12 22.46
C LEU B 248 3.61 -25.55 22.53
N PHE B 249 4.43 -25.86 23.54
CA PHE B 249 5.03 -27.19 23.60
C PHE B 249 4.00 -28.28 23.86
N ILE B 250 2.97 -27.99 24.66
CA ILE B 250 1.99 -29.02 25.00
C ILE B 250 1.26 -29.49 23.75
N SER B 251 1.14 -28.61 22.75
CA SER B 251 0.49 -28.99 21.50
C SER B 251 1.46 -29.69 20.56
N SER B 252 2.54 -29.01 20.18
CA SER B 252 3.47 -29.57 19.22
C SER B 252 4.88 -29.03 19.46
N PRO B 253 5.85 -29.90 19.72
CA PRO B 253 7.21 -29.42 20.01
C PRO B 253 7.85 -28.65 18.87
N LEU B 254 7.53 -28.96 17.62
CA LEU B 254 8.14 -28.24 16.50
C LEU B 254 7.77 -26.77 16.52
N ILE B 255 6.52 -26.46 16.87
CA ILE B 255 6.11 -25.05 16.94
C ILE B 255 6.89 -24.33 18.03
N CYS B 256 7.07 -24.96 19.18
CA CYS B 256 7.85 -24.33 20.25
C CYS B 256 9.31 -24.14 19.84
N LEU B 257 9.90 -25.14 19.19
CA LEU B 257 11.28 -25.00 18.73
C LEU B 257 11.42 -23.86 17.75
N HIS B 258 10.51 -23.77 16.78
CA HIS B 258 10.59 -22.69 15.81
C HIS B 258 10.31 -21.35 16.45
N ALA B 259 9.46 -21.31 17.48
CA ALA B 259 9.25 -20.06 18.20
C ALA B 259 10.52 -19.58 18.89
N ALA B 260 11.20 -20.49 19.59
CA ALA B 260 12.45 -20.10 20.25
C ALA B 260 13.49 -19.67 19.23
N ILE B 261 13.60 -20.41 18.12
CA ILE B 261 14.57 -20.06 17.10
C ILE B 261 14.26 -18.70 16.50
N GLY B 262 12.99 -18.43 16.22
CA GLY B 262 12.61 -17.14 15.67
C GLY B 262 12.88 -16.00 16.62
N SER B 263 12.57 -16.20 17.91
CA SER B 263 12.83 -15.14 18.87
C SER B 263 14.31 -14.83 18.99
N THR B 264 15.14 -15.88 19.09
CA THR B 264 16.58 -15.64 19.20
C THR B 264 17.14 -15.06 17.91
N MET B 265 16.57 -15.42 16.77
CA MET B 265 17.01 -14.85 15.50
C MET B 265 16.66 -13.37 15.42
N GLY B 266 15.47 -13.01 15.90
CA GLY B 266 15.12 -11.59 15.94
C GLY B 266 16.03 -10.81 16.88
N MET B 267 16.37 -11.40 18.02
CA MET B 267 17.30 -10.74 18.94
C MET B 267 18.66 -10.52 18.26
N LEU B 268 19.18 -11.56 17.61
CA LEU B 268 20.48 -11.43 16.95
C LEU B 268 20.42 -10.40 15.82
N ALA B 269 19.34 -10.42 15.03
CA ALA B 269 19.23 -9.46 13.94
C ALA B 269 19.08 -8.03 14.45
N ALA B 270 18.49 -7.86 15.64
CA ALA B 270 18.43 -6.54 16.25
C ALA B 270 19.78 -6.08 16.79
N LEU B 271 20.63 -7.00 17.24
CA LEU B 271 21.98 -6.58 17.62
C LEU B 271 22.79 -6.15 16.41
N THR B 272 22.45 -6.65 15.22
CA THR B 272 23.26 -6.38 14.04
C THR B 272 23.18 -4.92 13.61
N ILE B 273 22.06 -4.25 13.84
CA ILE B 273 21.88 -2.87 13.41
C ILE B 273 21.88 -1.91 14.60
N ALA B 274 22.53 -2.29 15.70
CA ALA B 274 22.73 -1.41 16.85
C ALA B 274 21.41 -0.90 17.42
N THR B 275 20.53 -1.85 17.67
CA THR B 275 19.25 -1.53 18.27
C THR B 275 19.50 -1.24 19.79
N PRO B 276 18.90 -0.15 20.38
CA PRO B 276 19.12 0.13 21.81
C PRO B 276 18.83 -1.11 22.66
N PHE B 277 19.66 -1.29 23.68
CA PHE B 277 19.61 -2.52 24.47
C PHE B 277 18.28 -2.65 25.21
N ASP B 278 17.72 -1.52 25.63
CA ASP B 278 16.44 -1.59 26.35
C ASP B 278 15.34 -2.19 25.49
N SER B 279 15.31 -1.84 24.21
CA SER B 279 14.30 -2.40 23.32
C SER B 279 14.46 -3.90 23.17
N ILE B 280 15.71 -4.38 23.05
CA ILE B 280 15.93 -5.82 22.92
C ILE B 280 15.56 -6.54 24.21
N TYR B 281 15.96 -5.98 25.36
CA TYR B 281 15.61 -6.61 26.64
C TYR B 281 14.11 -6.67 26.83
N PHE B 282 13.38 -5.70 26.28
CA PHE B 282 11.94 -5.63 26.45
C PHE B 282 11.21 -6.60 25.53
N GLY B 283 11.94 -7.29 24.64
CA GLY B 283 11.34 -8.27 23.76
C GLY B 283 10.73 -7.72 22.50
N LEU B 284 10.88 -6.42 22.22
CA LEU B 284 10.22 -5.80 21.09
C LEU B 284 10.73 -6.30 19.75
N CYS B 285 11.91 -6.90 19.70
CA CYS B 285 12.52 -7.26 18.43
C CYS B 285 12.34 -8.72 18.06
N GLY B 286 11.60 -9.49 18.86
CA GLY B 286 11.53 -10.92 18.61
C GLY B 286 10.15 -11.49 18.35
N PHE B 287 9.10 -10.67 18.41
CA PHE B 287 7.77 -11.26 18.25
C PHE B 287 7.39 -11.42 16.78
N ASN B 288 7.71 -10.42 15.95
CA ASN B 288 7.54 -10.61 14.51
C ASN B 288 8.38 -11.77 14.02
N SER B 289 9.63 -11.86 14.50
CA SER B 289 10.51 -12.92 14.06
C SER B 289 9.99 -14.30 14.49
N THR B 290 9.52 -14.42 15.73
CA THR B 290 9.02 -15.73 16.18
C THR B 290 7.75 -16.11 15.43
N LEU B 291 6.87 -15.14 15.16
CA LEU B 291 5.68 -15.47 14.38
C LEU B 291 6.05 -15.92 12.98
N ALA B 292 6.99 -15.23 12.34
CA ALA B 292 7.41 -15.63 11.00
C ALA B 292 8.04 -17.02 11.00
N CYS B 293 8.88 -17.30 11.99
CA CYS B 293 9.52 -18.60 12.07
C CYS B 293 8.49 -19.71 12.27
N ILE B 294 7.51 -19.48 13.14
CA ILE B 294 6.46 -20.47 13.33
C ILE B 294 5.68 -20.69 12.03
N ALA B 295 5.35 -19.60 11.34
CA ALA B 295 4.52 -19.71 10.15
C ALA B 295 5.23 -20.46 9.03
N ILE B 296 6.51 -20.14 8.81
CA ILE B 296 7.22 -20.71 7.67
C ILE B 296 7.90 -22.04 8.01
N GLY B 297 8.13 -22.32 9.29
CA GLY B 297 8.93 -23.46 9.68
C GLY B 297 8.34 -24.81 9.32
N GLY B 298 7.22 -25.18 9.94
CA GLY B 298 6.73 -26.52 9.75
C GLY B 298 5.25 -26.64 9.47
N MET B 299 4.52 -25.53 9.51
CA MET B 299 3.09 -25.63 9.27
C MET B 299 2.71 -25.39 7.82
N PHE B 300 2.99 -24.20 7.31
CA PHE B 300 2.56 -23.88 5.96
C PHE B 300 3.54 -24.37 4.92
N TYR B 301 4.72 -24.83 5.35
CA TYR B 301 5.64 -25.59 4.54
C TYR B 301 5.88 -26.92 5.24
N VAL B 302 5.95 -28.00 4.47
CA VAL B 302 6.25 -29.28 5.08
C VAL B 302 7.63 -29.21 5.72
N ILE B 303 7.72 -29.63 6.98
CA ILE B 303 8.94 -29.40 7.75
C ILE B 303 10.09 -30.21 7.14
N THR B 304 11.13 -29.50 6.73
CA THR B 304 12.34 -30.12 6.19
C THR B 304 13.48 -29.16 6.46
N TRP B 305 14.72 -29.68 6.45
CA TRP B 305 15.86 -28.83 6.75
C TRP B 305 15.95 -27.66 5.79
N GLN B 306 15.57 -27.87 4.54
CA GLN B 306 15.48 -26.75 3.59
C GLN B 306 14.46 -25.72 4.07
N THR B 307 13.27 -26.19 4.45
CA THR B 307 12.27 -25.27 4.97
C THR B 307 12.69 -24.69 6.32
N HIS B 308 13.50 -25.41 7.09
CA HIS B 308 14.02 -24.87 8.34
C HIS B 308 14.93 -23.67 8.07
N LEU B 309 15.86 -23.82 7.12
CA LEU B 309 16.71 -22.70 6.75
C LEU B 309 15.90 -21.57 6.17
N LEU B 310 14.87 -21.89 5.38
CA LEU B 310 13.97 -20.86 4.88
C LEU B 310 13.28 -20.12 6.01
N ALA B 311 12.88 -20.83 7.06
CA ALA B 311 12.23 -20.20 8.20
C ALA B 311 13.20 -19.28 8.94
N ILE B 312 14.46 -19.70 9.09
CA ILE B 312 15.44 -18.83 9.72
C ILE B 312 15.65 -17.57 8.88
N ALA B 313 15.73 -17.72 7.56
CA ALA B 313 15.86 -16.56 6.69
C ALA B 313 14.64 -15.66 6.81
N CYS B 314 13.45 -16.25 6.92
CA CYS B 314 12.24 -15.45 7.09
C CYS B 314 12.26 -14.71 8.42
N ALA B 315 12.80 -15.34 9.47
CA ALA B 315 12.93 -14.65 10.74
C ALA B 315 13.85 -13.45 10.62
N LEU B 316 14.98 -13.61 9.92
CA LEU B 316 15.89 -12.48 9.71
C LEU B 316 15.20 -11.36 8.93
N PHE B 317 14.53 -11.71 7.83
CA PHE B 317 13.81 -10.72 7.04
C PHE B 317 12.76 -10.02 7.88
N ALA B 318 12.05 -10.77 8.73
CA ALA B 318 11.00 -10.19 9.54
C ALA B 318 11.56 -9.26 10.61
N ALA B 319 12.72 -9.61 11.19
CA ALA B 319 13.31 -8.72 12.18
C ALA B 319 13.79 -7.42 11.56
N TYR B 320 14.47 -7.50 10.42
CA TYR B 320 14.92 -6.28 9.75
C TYR B 320 13.73 -5.43 9.30
N LEU B 321 12.71 -6.08 8.74
CA LEU B 321 11.51 -5.35 8.36
C LEU B 321 10.80 -4.79 9.58
N GLY B 322 10.91 -5.45 10.74
CA GLY B 322 10.34 -4.91 11.95
C GLY B 322 11.01 -3.62 12.37
N ALA B 323 12.34 -3.60 12.32
CA ALA B 323 13.05 -2.35 12.60
C ALA B 323 12.65 -1.27 11.61
N ALA B 324 12.58 -1.62 10.33
CA ALA B 324 12.24 -0.64 9.31
C ALA B 324 10.84 -0.07 9.52
N LEU B 325 9.87 -0.95 9.77
CA LEU B 325 8.50 -0.49 9.97
C LEU B 325 8.36 0.27 11.27
N ALA B 326 9.14 -0.07 12.31
CA ALA B 326 9.12 0.73 13.52
C ALA B 326 9.56 2.14 13.23
N ASN B 327 10.69 2.29 12.54
CA ASN B 327 11.19 3.62 12.24
C ASN B 327 10.22 4.39 11.35
N MET B 328 9.62 3.73 10.36
CA MET B 328 8.70 4.44 9.48
C MET B 328 7.41 4.82 10.20
N LEU B 329 6.81 3.88 10.92
CA LEU B 329 5.49 4.11 11.51
C LEU B 329 5.58 5.00 12.74
N SER B 330 6.76 5.12 13.34
CA SER B 330 6.91 6.06 14.43
C SER B 330 6.64 7.49 14.00
N VAL B 331 6.75 7.78 12.70
CA VAL B 331 6.45 9.12 12.20
C VAL B 331 4.98 9.45 12.44
N PHE B 332 4.08 8.52 12.12
CA PHE B 332 2.67 8.71 12.40
C PHE B 332 2.32 8.54 13.86
N GLY B 333 3.27 8.08 14.68
CA GLY B 333 2.98 7.74 16.06
C GLY B 333 2.45 6.35 16.28
N LEU B 334 2.43 5.52 15.25
CA LEU B 334 1.91 4.17 15.36
C LEU B 334 3.05 3.17 15.55
N PRO B 335 2.79 2.05 16.22
CA PRO B 335 3.78 1.00 16.34
C PRO B 335 3.65 0.00 15.20
N PRO B 336 4.70 -0.76 14.91
CA PRO B 336 4.60 -1.82 13.88
C PRO B 336 4.00 -3.09 14.46
N CYS B 337 2.70 -3.08 14.68
CA CYS B 337 2.01 -4.17 15.36
C CYS B 337 1.80 -5.30 14.35
N THR B 338 2.77 -6.22 14.30
CA THR B 338 2.68 -7.49 13.59
C THR B 338 2.62 -7.32 12.08
N TRP B 339 2.71 -6.08 11.58
CA TRP B 339 2.89 -5.90 10.14
C TRP B 339 4.12 -6.61 9.59
N PRO B 340 5.29 -6.54 10.22
CA PRO B 340 6.47 -7.20 9.63
C PRO B 340 6.30 -8.69 9.44
N PHE B 341 5.74 -9.38 10.42
CA PHE B 341 5.49 -10.81 10.27
C PHE B 341 4.56 -11.06 9.09
N CYS B 342 3.52 -10.26 8.97
CA CYS B 342 2.58 -10.42 7.86
C CYS B 342 3.31 -10.32 6.53
N LEU B 343 4.05 -9.24 6.33
CA LEU B 343 4.69 -9.01 5.04
C LEU B 343 5.72 -10.09 4.75
N SER B 344 6.53 -10.45 5.74
CA SER B 344 7.58 -11.45 5.51
C SER B 344 6.98 -12.82 5.22
N ALA B 345 5.99 -13.25 6.02
CA ALA B 345 5.42 -14.56 5.80
C ALA B 345 4.68 -14.63 4.47
N LEU B 346 3.97 -13.56 4.10
CA LEU B 346 3.28 -13.57 2.82
C LEU B 346 4.27 -13.58 1.66
N THR B 347 5.38 -12.83 1.76
CA THR B 347 6.35 -12.86 0.67
C THR B 347 7.13 -14.15 0.64
N PHE B 348 7.14 -14.91 1.73
CA PHE B 348 7.84 -16.18 1.75
C PHE B 348 6.94 -17.37 1.43
N LEU B 349 5.62 -17.19 1.49
CA LEU B 349 4.71 -18.22 1.03
C LEU B 349 4.46 -18.14 -0.46
N LEU B 350 4.56 -16.95 -1.03
CA LEU B 350 4.43 -16.79 -2.48
C LEU B 350 5.68 -17.24 -3.23
N LEU B 351 6.78 -17.48 -2.52
CA LEU B 351 8.00 -17.92 -3.17
C LEU B 351 7.77 -19.25 -3.88
N THR B 352 8.18 -19.31 -5.15
CA THR B 352 8.08 -20.52 -5.95
C THR B 352 9.46 -21.09 -6.19
N THR B 353 9.65 -22.34 -5.81
CA THR B 353 10.95 -22.98 -5.88
C THR B 353 10.81 -24.33 -6.56
N ASN B 354 11.77 -24.67 -7.42
CA ASN B 354 11.63 -25.85 -8.27
C ASN B 354 11.89 -27.15 -7.51
N ASN B 355 12.75 -27.13 -6.49
CA ASN B 355 13.10 -28.38 -5.84
C ASN B 355 11.91 -28.94 -5.06
N PRO B 356 11.79 -30.26 -4.96
CA PRO B 356 10.61 -30.85 -4.30
C PRO B 356 10.64 -30.78 -2.79
N ALA B 357 11.76 -30.40 -2.18
CA ALA B 357 11.83 -30.37 -0.73
C ALA B 357 10.97 -29.25 -0.15
N ILE B 358 10.91 -28.12 -0.83
CA ILE B 358 10.14 -26.97 -0.38
C ILE B 358 8.72 -27.13 -0.93
N TYR B 359 7.82 -27.65 -0.10
CA TYR B 359 6.45 -27.94 -0.51
C TYR B 359 5.50 -27.10 0.33
N LYS B 360 4.55 -26.43 -0.34
CA LYS B 360 3.56 -25.61 0.33
C LYS B 360 2.24 -26.35 0.39
N LEU B 361 1.69 -26.50 1.58
CA LEU B 361 0.47 -27.28 1.75
C LEU B 361 -0.76 -26.48 1.35
N PRO B 362 -1.76 -27.13 0.77
CA PRO B 362 -3.06 -26.47 0.61
C PRO B 362 -3.66 -26.11 1.96
N LEU B 363 -4.34 -24.97 2.02
CA LEU B 363 -4.85 -24.48 3.29
C LEU B 363 -5.89 -25.39 3.91
N SER B 364 -6.59 -26.18 3.12
CA SER B 364 -7.64 -27.02 3.68
C SER B 364 -7.10 -28.11 4.58
N LYS B 365 -5.79 -28.38 4.56
CA LYS B 365 -5.21 -29.52 5.24
C LYS B 365 -3.96 -29.11 6.02
N VAL B 366 -4.08 -28.03 6.79
CA VAL B 366 -2.98 -27.52 7.62
C VAL B 366 -3.44 -27.56 9.06
N THR B 367 -2.81 -28.42 9.87
CA THR B 367 -3.13 -28.51 11.29
C THR B 367 -1.95 -28.12 12.18
N TYR B 368 -0.82 -28.80 12.06
CA TYR B 368 0.38 -28.52 12.84
C TYR B 368 1.53 -29.36 12.27
N PRO B 369 2.77 -28.96 12.52
CA PRO B 369 3.89 -29.50 11.72
C PRO B 369 4.01 -31.01 11.71
N GLU B 370 3.79 -31.68 12.84
CA GLU B 370 3.89 -33.13 12.85
C GLU B 370 2.82 -33.75 11.97
N ALA B 371 1.57 -33.32 12.15
CA ALA B 371 0.49 -33.84 11.32
C ALA B 371 0.67 -33.44 9.87
N ASN B 372 1.23 -32.26 9.61
CA ASN B 372 1.50 -31.85 8.24
C ASN B 372 2.52 -32.77 7.58
N ARG B 373 3.60 -33.09 8.29
CA ARG B 373 4.60 -34.00 7.73
C ARG B 373 4.02 -35.39 7.54
N ILE B 374 3.18 -35.84 8.47
CA ILE B 374 2.54 -37.14 8.32
C ILE B 374 1.66 -37.15 7.08
N TYR B 375 0.87 -36.10 6.87
CA TYR B 375 0.03 -36.01 5.69
C TYR B 375 0.86 -36.00 4.41
N TYR B 376 1.96 -35.23 4.40
CA TYR B 376 2.79 -35.18 3.21
C TYR B 376 3.39 -36.55 2.91
N LEU B 377 3.86 -37.26 3.93
CA LEU B 377 4.43 -38.58 3.72
C LEU B 377 3.39 -39.57 3.24
N SER B 378 2.16 -39.47 3.75
CA SER B 378 1.10 -40.38 3.31
C SER B 378 0.71 -40.10 1.87
N GLN B 379 0.55 -38.83 1.51
CA GLN B 379 0.14 -38.48 0.15
C GLN B 379 1.24 -38.83 -0.84
N GLU B 380 2.51 -38.63 -0.47
CA GLU B 380 3.61 -38.95 -1.37
C GLU B 380 3.65 -40.45 -1.68
N ARG B 381 3.42 -41.29 -0.68
CA ARG B 381 3.46 -42.73 -0.88
C ARG B 381 2.13 -43.23 -1.43
N LYS C 51 31.25 -24.08 -22.03
CA LYS C 51 32.49 -23.61 -21.44
C LYS C 51 32.51 -23.84 -19.93
N SER C 52 33.51 -23.27 -19.26
CA SER C 52 33.63 -23.44 -17.83
C SER C 52 32.46 -22.76 -17.11
N PRO C 53 31.95 -23.36 -16.03
CA PRO C 53 30.83 -22.75 -15.31
C PRO C 53 31.10 -21.33 -14.83
N VAL C 54 32.34 -21.01 -14.48
CA VAL C 54 32.64 -19.66 -14.00
C VAL C 54 32.38 -18.63 -15.08
N PHE C 55 32.78 -18.93 -16.32
CA PHE C 55 32.53 -18.01 -17.42
C PHE C 55 31.03 -17.81 -17.64
N GLN C 56 30.24 -18.88 -17.57
CA GLN C 56 28.80 -18.74 -17.72
C GLN C 56 28.22 -17.91 -16.58
N PHE C 57 28.72 -18.10 -15.36
CA PHE C 57 28.23 -17.30 -14.24
C PHE C 57 28.55 -15.82 -14.44
N PHE C 58 29.75 -15.50 -14.90
CA PHE C 58 30.08 -14.10 -15.15
C PHE C 58 29.26 -13.54 -16.30
N ASP C 59 28.94 -14.36 -17.30
CA ASP C 59 28.02 -13.94 -18.34
C ASP C 59 26.66 -13.60 -17.75
N TRP C 60 26.17 -14.43 -16.84
CA TRP C 60 24.90 -14.16 -16.19
C TRP C 60 24.95 -12.85 -15.41
N VAL C 61 26.07 -12.60 -14.71
CA VAL C 61 26.22 -11.36 -13.95
C VAL C 61 26.19 -10.16 -14.89
N LEU C 62 26.88 -10.26 -16.03
CA LEU C 62 26.91 -9.15 -16.97
C LEU C 62 25.53 -8.87 -17.54
N ARG C 63 24.81 -9.93 -17.94
CA ARG C 63 23.47 -9.71 -18.47
C ARG C 63 22.53 -9.17 -17.40
N GLY C 64 22.71 -9.60 -16.16
CA GLY C 64 21.92 -9.04 -15.08
C GLY C 64 22.17 -7.56 -14.87
N THR C 65 23.45 -7.16 -14.86
CA THR C 65 23.74 -5.74 -14.68
C THR C 65 23.35 -4.93 -15.90
N SER C 66 23.11 -5.58 -17.04
CA SER C 66 22.59 -4.87 -18.20
C SER C 66 21.07 -4.76 -18.24
N GLN C 67 20.37 -5.72 -17.62
CA GLN C 67 18.90 -5.71 -17.63
C GLN C 67 18.26 -4.50 -16.98
N VAL C 68 19.05 -3.61 -16.39
CA VAL C 68 18.49 -2.48 -15.67
C VAL C 68 17.74 -1.56 -16.61
N MET C 69 18.36 -1.21 -17.73
CA MET C 69 17.66 -0.52 -18.82
C MET C 69 17.00 -1.47 -19.78
N PHE C 70 16.66 -2.68 -19.32
CA PHE C 70 15.93 -3.66 -20.11
C PHE C 70 16.76 -4.16 -21.29
N VAL C 71 18.06 -4.26 -21.12
CA VAL C 71 18.98 -4.67 -22.17
C VAL C 71 19.59 -6.02 -21.78
N ASN C 72 19.55 -6.97 -22.70
CA ASN C 72 20.12 -8.30 -22.49
C ASN C 72 21.31 -8.43 -23.44
N ASN C 73 22.46 -7.95 -22.99
CA ASN C 73 23.66 -8.01 -23.80
C ASN C 73 24.90 -7.94 -22.91
N PRO C 74 25.75 -8.97 -22.92
CA PRO C 74 26.92 -8.95 -22.04
C PRO C 74 27.86 -7.78 -22.30
N LEU C 75 28.01 -7.36 -23.56
CA LEU C 75 28.85 -6.21 -23.86
C LEU C 75 28.28 -4.94 -23.23
N SER C 76 26.96 -4.80 -23.25
CA SER C 76 26.34 -3.68 -22.55
C SER C 76 26.64 -3.75 -21.05
N GLY C 77 26.66 -4.95 -20.49
CA GLY C 77 27.03 -5.10 -19.10
C GLY C 77 28.45 -4.65 -18.83
N ILE C 78 29.38 -5.01 -19.73
CA ILE C 78 30.76 -4.58 -19.57
C ILE C 78 30.86 -3.06 -19.62
N LEU C 79 30.16 -2.44 -20.58
CA LEU C 79 30.17 -0.98 -20.68
C LEU C 79 29.58 -0.34 -19.43
N ILE C 80 28.53 -0.92 -18.87
CA ILE C 80 27.92 -0.35 -17.67
C ILE C 80 28.87 -0.47 -16.48
N ILE C 81 29.54 -1.61 -16.35
CA ILE C 81 30.52 -1.76 -15.27
C ILE C 81 31.65 -0.76 -15.43
N LEU C 82 32.10 -0.54 -16.67
CA LEU C 82 33.14 0.45 -16.92
C LEU C 82 32.66 1.84 -16.54
N GLY C 83 31.41 2.17 -16.86
CA GLY C 83 30.87 3.45 -16.45
C GLY C 83 30.82 3.59 -14.95
N LEU C 84 30.46 2.52 -14.24
CA LEU C 84 30.45 2.56 -12.78
C LEU C 84 31.85 2.79 -12.22
N PHE C 85 32.86 2.13 -12.78
CA PHE C 85 34.24 2.45 -12.38
C PHE C 85 34.58 3.90 -12.66
N ILE C 86 34.12 4.44 -13.78
CA ILE C 86 34.38 5.84 -14.08
C ILE C 86 33.75 6.74 -13.02
N GLN C 87 32.53 6.40 -12.58
CA GLN C 87 31.84 7.24 -11.62
C GLN C 87 32.47 7.13 -10.23
N ASN C 88 32.42 5.95 -9.64
CA ASN C 88 32.97 5.75 -8.29
C ASN C 88 33.31 4.28 -8.10
N PRO C 89 34.59 3.94 -7.93
CA PRO C 89 34.96 2.53 -7.78
C PRO C 89 34.29 1.85 -6.60
N TRP C 90 34.08 2.55 -5.48
CA TRP C 90 33.42 1.93 -4.34
C TRP C 90 31.98 1.56 -4.66
N TRP C 91 31.25 2.46 -5.32
CA TRP C 91 29.88 2.16 -5.70
C TRP C 91 29.82 0.97 -6.64
N ALA C 92 30.77 0.90 -7.58
CA ALA C 92 30.80 -0.21 -8.52
C ALA C 92 31.10 -1.52 -7.82
N ILE C 93 32.02 -1.51 -6.85
CA ILE C 93 32.32 -2.72 -6.10
C ILE C 93 31.07 -3.19 -5.36
N SER C 94 30.37 -2.25 -4.73
CA SER C 94 29.14 -2.62 -4.03
C SER C 94 28.11 -3.20 -4.98
N GLY C 95 27.95 -2.59 -6.15
CA GLY C 95 26.98 -3.10 -7.11
C GLY C 95 27.33 -4.46 -7.64
N CYS C 96 28.60 -4.70 -7.94
CA CYS C 96 29.03 -6.01 -8.43
C CYS C 96 28.83 -7.08 -7.35
N LEU C 97 29.13 -6.76 -6.10
CA LEU C 97 28.87 -7.72 -5.02
C LEU C 97 27.39 -8.00 -4.91
N GLY C 98 26.55 -6.97 -5.02
CA GLY C 98 25.12 -7.19 -4.98
C GLY C 98 24.65 -8.11 -6.08
N THR C 99 25.12 -7.88 -7.31
CA THR C 99 24.72 -8.73 -8.43
C THR C 99 25.16 -10.16 -8.22
N ILE C 100 26.41 -10.35 -7.77
CA ILE C 100 26.93 -11.70 -7.60
C ILE C 100 26.13 -12.45 -6.56
N MET C 101 25.90 -11.83 -5.40
CA MET C 101 25.17 -12.53 -4.36
C MET C 101 23.71 -12.74 -4.72
N SER C 102 23.11 -11.82 -5.49
CA SER C 102 21.75 -12.05 -5.95
C SER C 102 21.69 -13.25 -6.87
N THR C 103 22.66 -13.41 -7.77
CA THR C 103 22.64 -14.56 -8.67
C THR C 103 22.90 -15.86 -7.91
N LEU C 104 23.80 -15.83 -6.93
CA LEU C 104 23.97 -17.02 -6.08
C LEU C 104 22.69 -17.37 -5.34
N THR C 105 21.98 -16.37 -4.81
CA THR C 105 20.73 -16.66 -4.15
C THR C 105 19.72 -17.25 -5.11
N ALA C 106 19.67 -16.74 -6.34
CA ALA C 106 18.76 -17.29 -7.33
C ALA C 106 19.08 -18.74 -7.64
N LEU C 107 20.37 -19.07 -7.80
CA LEU C 107 20.74 -20.46 -8.07
C LEU C 107 20.42 -21.35 -6.88
N ILE C 108 20.68 -20.87 -5.66
CA ILE C 108 20.42 -21.67 -4.46
C ILE C 108 18.94 -21.99 -4.34
N LEU C 109 18.09 -20.99 -4.59
CA LEU C 109 16.65 -21.16 -4.49
C LEU C 109 16.05 -21.86 -5.70
N SER C 110 16.88 -22.50 -6.53
CA SER C 110 16.41 -23.33 -7.63
C SER C 110 15.41 -22.58 -8.52
N GLN C 111 15.74 -21.34 -8.84
CA GLN C 111 14.91 -20.57 -9.75
C GLN C 111 15.09 -21.07 -11.17
N ASP C 112 14.30 -20.51 -12.09
CA ASP C 112 14.36 -20.94 -13.48
C ASP C 112 15.73 -20.65 -14.08
N LYS C 113 16.28 -21.65 -14.77
CA LYS C 113 17.61 -21.47 -15.35
C LYS C 113 17.59 -20.47 -16.50
N SER C 114 16.50 -20.44 -17.29
CA SER C 114 16.41 -19.49 -18.38
C SER C 114 16.38 -18.06 -17.86
N ALA C 115 15.63 -17.82 -16.78
CA ALA C 115 15.57 -16.47 -16.22
C ALA C 115 16.92 -16.04 -15.68
N ILE C 116 17.64 -16.94 -15.01
CA ILE C 116 18.96 -16.60 -14.50
C ILE C 116 19.92 -16.32 -15.65
N ALA C 117 19.87 -17.16 -16.69
CA ALA C 117 20.76 -16.97 -17.83
C ALA C 117 20.48 -15.66 -18.54
N ALA C 118 19.21 -15.27 -18.63
CA ALA C 118 18.88 -13.98 -19.21
C ALA C 118 19.42 -12.83 -18.37
N GLY C 119 19.40 -12.98 -17.05
CA GLY C 119 19.87 -11.94 -16.17
C GLY C 119 18.74 -11.36 -15.34
N PHE C 120 17.61 -12.07 -15.35
CA PHE C 120 16.43 -11.55 -14.67
CA PHE C 120 16.41 -11.58 -14.67
C PHE C 120 16.60 -11.48 -13.17
N HIS C 121 17.54 -12.22 -12.60
CA HIS C 121 17.73 -12.23 -11.16
C HIS C 121 18.94 -11.42 -10.71
N GLY C 122 19.64 -10.77 -11.64
CA GLY C 122 20.80 -9.98 -11.27
C GLY C 122 20.57 -8.49 -11.37
N TYR C 123 19.48 -8.08 -12.02
CA TYR C 123 19.26 -6.66 -12.24
C TYR C 123 18.69 -5.95 -11.02
N ASN C 124 18.36 -6.69 -9.96
CA ASN C 124 18.01 -6.05 -8.69
C ASN C 124 19.18 -5.98 -7.72
N GLY C 125 20.10 -6.94 -7.78
CA GLY C 125 21.25 -6.88 -6.89
C GLY C 125 22.16 -5.71 -7.17
N VAL C 126 22.37 -5.38 -8.46
CA VAL C 126 23.26 -4.28 -8.80
C VAL C 126 22.73 -2.96 -8.25
N LEU C 127 21.44 -2.72 -8.43
CA LEU C 127 20.85 -1.49 -7.89
C LEU C 127 20.90 -1.50 -6.37
N VAL C 128 20.65 -2.66 -5.75
CA VAL C 128 20.71 -2.73 -4.30
C VAL C 128 22.08 -2.32 -3.80
N GLY C 129 23.14 -2.91 -4.36
CA GLY C 129 24.49 -2.54 -3.93
C GLY C 129 24.80 -1.09 -4.20
N LEU C 130 24.47 -0.61 -5.40
CA LEU C 130 24.79 0.77 -5.76
C LEU C 130 24.10 1.76 -4.84
N LEU C 131 22.84 1.50 -4.49
CA LEU C 131 22.11 2.43 -3.66
C LEU C 131 22.39 2.23 -2.17
N MET C 132 22.94 1.08 -1.78
CA MET C 132 23.54 0.99 -0.46
C MET C 132 24.74 1.91 -0.38
N ALA C 133 25.57 1.93 -1.43
CA ALA C 133 26.77 2.75 -1.42
C ALA C 133 26.47 4.22 -1.57
N VAL C 134 25.43 4.57 -2.33
CA VAL C 134 25.13 5.98 -2.60
C VAL C 134 24.64 6.67 -1.33
N PHE C 135 23.78 6.01 -0.57
CA PHE C 135 23.17 6.59 0.63
C PHE C 135 23.89 6.14 1.90
N SER C 136 25.21 6.00 1.85
CA SER C 136 26.00 5.69 3.03
C SER C 136 26.66 6.97 3.52
N ASP C 137 26.54 7.24 4.81
CA ASP C 137 27.11 8.44 5.40
C ASP C 137 28.54 8.26 5.88
N LYS C 138 29.09 7.04 5.78
CA LYS C 138 30.44 6.76 6.26
C LYS C 138 31.51 7.02 5.21
N GLY C 139 31.14 7.49 4.03
CA GLY C 139 32.11 7.79 3.00
C GLY C 139 32.36 6.62 2.08
N ASP C 140 33.53 6.64 1.46
CA ASP C 140 33.93 5.62 0.50
C ASP C 140 34.76 4.54 1.18
N TYR C 141 34.65 3.32 0.65
CA TYR C 141 35.41 2.16 1.15
C TYR C 141 35.16 1.92 2.62
N TYR C 142 33.92 2.12 3.05
CA TYR C 142 33.46 1.65 4.35
C TYR C 142 33.14 0.17 4.19
N TRP C 143 34.15 -0.66 4.42
CA TRP C 143 34.06 -2.07 4.03
C TRP C 143 32.91 -2.80 4.71
N TRP C 144 32.56 -2.42 5.93
CA TRP C 144 31.48 -3.12 6.63
C TRP C 144 30.16 -2.98 5.90
N LEU C 145 29.99 -1.95 5.08
CA LEU C 145 28.78 -1.81 4.29
C LEU C 145 28.54 -2.99 3.38
N LEU C 146 29.61 -3.73 3.03
CA LEU C 146 29.41 -4.92 2.20
C LEU C 146 28.55 -5.95 2.90
N LEU C 147 28.60 -6.01 4.23
CA LEU C 147 27.83 -7.03 4.93
C LEU C 147 26.33 -6.86 4.76
N PRO C 148 25.73 -5.67 4.94
CA PRO C 148 24.33 -5.51 4.52
C PRO C 148 24.11 -5.84 3.05
N VAL C 149 25.05 -5.43 2.19
CA VAL C 149 24.88 -5.61 0.75
C VAL C 149 24.73 -7.09 0.42
N ILE C 150 25.53 -7.94 1.06
CA ILE C 150 25.37 -9.37 0.87
C ILE C 150 24.00 -9.83 1.33
N ILE C 151 23.58 -9.38 2.51
CA ILE C 151 22.33 -9.88 3.08
C ILE C 151 21.13 -9.40 2.27
N MET C 152 21.05 -8.09 2.03
CA MET C 152 19.89 -7.53 1.34
C MET C 152 19.77 -8.06 -0.09
N SER C 153 20.89 -8.28 -0.77
CA SER C 153 20.82 -8.84 -2.11
C SER C 153 20.28 -10.26 -2.12
N MET C 154 20.35 -10.98 -0.99
CA MET C 154 19.69 -12.28 -0.94
C MET C 154 18.19 -12.14 -1.07
N SER C 155 17.63 -11.01 -0.66
CA SER C 155 16.19 -10.81 -0.69
C SER C 155 15.66 -10.42 -2.06
N CYS C 156 16.54 -10.03 -2.99
CA CYS C 156 16.08 -9.70 -4.33
C CYS C 156 15.45 -10.88 -5.06
N PRO C 157 16.06 -12.08 -5.10
CA PRO C 157 15.38 -13.19 -5.77
C PRO C 157 14.06 -13.56 -5.14
N ILE C 158 14.03 -13.67 -3.81
CA ILE C 158 12.81 -14.07 -3.11
C ILE C 158 11.66 -13.15 -3.53
N LEU C 159 11.82 -11.85 -3.31
CA LEU C 159 10.80 -10.90 -3.73
C LEU C 159 10.49 -11.06 -5.21
N SER C 160 11.52 -11.21 -6.04
CA SER C 160 11.29 -11.33 -7.47
C SER C 160 10.43 -12.54 -7.78
N SER C 161 10.58 -13.62 -7.02
CA SER C 161 9.66 -14.75 -7.18
C SER C 161 8.29 -14.39 -6.62
N ALA C 162 8.25 -13.84 -5.41
CA ALA C 162 6.98 -13.63 -4.74
C ALA C 162 6.09 -12.69 -5.55
N LEU C 163 6.61 -11.52 -5.91
CA LEU C 163 5.85 -10.61 -6.74
C LEU C 163 5.45 -11.27 -8.05
N GLY C 164 6.32 -12.11 -8.60
CA GLY C 164 5.96 -12.82 -9.82
C GLY C 164 4.69 -13.63 -9.64
N THR C 165 4.59 -14.35 -8.51
CA THR C 165 3.39 -15.13 -8.25
C THR C 165 2.16 -14.23 -8.17
N ILE C 166 2.34 -13.02 -7.64
CA ILE C 166 1.25 -12.06 -7.64
C ILE C 166 0.99 -11.55 -9.05
N PHE C 167 2.05 -11.28 -9.81
CA PHE C 167 1.90 -10.57 -11.07
C PHE C 167 1.62 -11.48 -12.25
N SER C 168 1.68 -12.80 -12.05
CA SER C 168 1.39 -13.72 -13.14
C SER C 168 -0.08 -13.72 -13.52
N LYS C 169 -0.97 -13.34 -12.59
CA LYS C 169 -2.40 -13.39 -12.88
C LYS C 169 -2.81 -12.35 -13.91
N TRP C 170 -2.11 -11.22 -13.96
CA TRP C 170 -2.38 -10.19 -14.96
C TRP C 170 -1.26 -10.07 -15.99
N ASP C 171 -0.40 -11.08 -16.07
CA ASP C 171 0.69 -11.11 -17.04
C ASP C 171 1.54 -9.85 -16.94
N LEU C 172 1.82 -9.43 -15.71
CA LEU C 172 2.64 -8.25 -15.54
C LEU C 172 4.05 -8.66 -15.14
N PRO C 173 5.06 -8.11 -15.79
CA PRO C 173 6.43 -8.32 -15.37
C PRO C 173 6.76 -7.43 -14.19
N VAL C 174 7.73 -7.86 -13.39
CA VAL C 174 8.18 -7.06 -12.28
C VAL C 174 9.28 -6.11 -12.75
N PHE C 175 9.24 -4.88 -12.24
CA PHE C 175 10.07 -3.77 -12.72
C PHE C 175 10.91 -3.15 -11.61
N THR C 176 11.75 -3.97 -10.97
CA THR C 176 12.77 -3.50 -10.02
C THR C 176 12.07 -3.24 -8.69
N LEU C 177 10.83 -3.70 -8.54
CA LEU C 177 10.14 -3.67 -7.25
C LEU C 177 10.93 -4.37 -6.14
N PRO C 178 11.56 -5.53 -6.38
CA PRO C 178 12.39 -6.10 -5.31
C PRO C 178 13.46 -5.15 -4.81
N PHE C 179 14.10 -4.42 -5.73
CA PHE C 179 15.04 -3.38 -5.33
C PHE C 179 14.39 -2.33 -4.45
N ASN C 180 13.24 -1.81 -4.87
CA ASN C 180 12.60 -0.75 -4.09
C ASN C 180 12.23 -1.23 -2.71
N ILE C 181 11.62 -2.41 -2.61
CA ILE C 181 11.22 -2.94 -1.31
C ILE C 181 12.43 -3.16 -0.43
N THR C 182 13.48 -3.81 -0.98
CA THR C 182 14.64 -4.13 -0.17
C THR C 182 15.36 -2.87 0.30
N VAL C 183 15.56 -1.90 -0.59
CA VAL C 183 16.29 -0.70 -0.22
C VAL C 183 15.47 0.17 0.73
N THR C 184 14.15 0.24 0.53
CA THR C 184 13.32 0.93 1.49
C THR C 184 13.41 0.27 2.86
N LEU C 185 13.39 -1.06 2.89
CA LEU C 185 13.57 -1.79 4.14
C LEU C 185 14.88 -1.41 4.81
N TYR C 186 15.98 -1.46 4.06
CA TYR C 186 17.29 -1.19 4.64
C TYR C 186 17.37 0.25 5.14
N LEU C 187 16.98 1.21 4.31
CA LEU C 187 17.14 2.61 4.67
C LEU C 187 16.22 3.02 5.80
N ALA C 188 15.07 2.37 5.93
CA ALA C 188 14.22 2.63 7.08
C ALA C 188 14.76 1.98 8.34
N ALA C 189 15.29 0.76 8.22
CA ALA C 189 15.83 0.07 9.39
C ALA C 189 17.02 0.82 9.95
N THR C 190 17.91 1.29 9.08
CA THR C 190 19.11 1.99 9.56
C THR C 190 18.81 3.44 9.90
N GLY C 191 18.40 4.22 8.92
CA GLY C 191 18.11 5.62 9.14
C GLY C 191 19.38 6.44 9.23
N HIS C 192 19.18 7.75 9.37
CA HIS C 192 20.32 8.66 9.46
C HIS C 192 21.03 8.58 10.79
N TYR C 193 20.35 8.10 11.84
CA TYR C 193 20.89 8.06 13.18
C TYR C 193 21.29 6.65 13.62
N ASN C 194 21.69 5.81 12.68
CA ASN C 194 22.15 4.47 13.00
C ASN C 194 23.61 4.52 13.43
N LEU C 195 23.96 3.66 14.40
CA LEU C 195 25.32 3.65 14.91
C LEU C 195 26.28 2.97 13.96
N PHE C 196 25.81 1.99 13.19
CA PHE C 196 26.66 1.17 12.34
C PHE C 196 26.67 1.64 10.89
N PHE C 197 25.51 1.81 10.28
CA PHE C 197 25.39 2.17 8.86
C PHE C 197 24.51 3.40 8.71
N PRO C 198 25.00 4.56 9.12
CA PRO C 198 24.19 5.78 8.96
C PRO C 198 23.99 6.11 7.49
N THR C 199 22.85 6.73 7.20
CA THR C 199 22.49 7.08 5.84
C THR C 199 22.44 8.60 5.69
N THR C 200 22.53 9.05 4.44
CA THR C 200 22.45 10.48 4.16
C THR C 200 21.09 11.01 4.57
N LEU C 201 21.07 12.20 5.15
CA LEU C 201 19.86 12.76 5.73
C LEU C 201 19.00 13.37 4.65
N LEU C 202 17.77 12.87 4.52
CA LEU C 202 16.76 13.43 3.63
C LEU C 202 15.60 13.93 4.48
N GLN C 203 15.24 15.19 4.31
CA GLN C 203 14.16 15.77 5.09
C GLN C 203 13.24 16.58 4.20
N PRO C 204 11.95 16.67 4.55
CA PRO C 204 11.01 17.41 3.71
C PRO C 204 11.35 18.89 3.69
N ALA C 205 11.05 19.53 2.57
CA ALA C 205 11.29 20.96 2.44
C ALA C 205 10.30 21.73 3.31
N SER C 206 10.82 22.66 4.10
CA SER C 206 10.01 23.45 5.01
C SER C 206 10.01 24.93 4.66
N ALA C 207 10.53 25.30 3.50
CA ALA C 207 10.55 26.68 3.07
C ALA C 207 10.40 26.74 1.55
N MET C 208 9.91 27.88 1.07
CA MET C 208 9.71 28.04 -0.36
C MET C 208 11.05 28.18 -1.05
N PRO C 209 11.34 27.35 -2.06
CA PRO C 209 12.62 27.46 -2.76
C PRO C 209 12.76 28.78 -3.49
N ASN C 210 14.00 29.25 -3.61
CA ASN C 210 14.31 30.45 -4.36
C ASN C 210 14.78 30.04 -5.75
N ILE C 211 13.99 30.39 -6.76
CA ILE C 211 14.24 29.96 -8.13
C ILE C 211 14.43 31.22 -8.96
N THR C 212 15.69 31.62 -9.15
CA THR C 212 16.02 32.76 -9.99
C THR C 212 16.06 32.29 -11.44
N TRP C 213 14.96 32.51 -12.17
CA TRP C 213 14.86 32.01 -13.54
C TRP C 213 15.85 32.68 -14.48
N SER C 214 16.39 33.84 -14.12
CA SER C 214 17.41 34.45 -14.94
C SER C 214 18.76 33.77 -14.83
N GLU C 215 18.93 32.90 -13.83
CA GLU C 215 20.20 32.19 -13.61
C GLU C 215 20.17 30.77 -14.16
N VAL C 216 19.12 30.39 -14.88
CA VAL C 216 19.06 29.04 -15.44
C VAL C 216 20.13 28.90 -16.52
N GLN C 217 20.79 27.75 -16.54
CA GLN C 217 21.87 27.48 -17.48
C GLN C 217 21.40 26.38 -18.43
N VAL C 218 21.09 26.77 -19.67
CA VAL C 218 20.64 25.79 -20.65
C VAL C 218 21.69 24.74 -20.99
N PRO C 219 23.00 25.01 -20.93
CA PRO C 219 23.93 23.87 -21.11
C PRO C 219 23.76 22.78 -20.08
N LEU C 220 23.66 23.15 -18.80
CA LEU C 220 23.44 22.13 -17.77
C LEU C 220 22.05 21.52 -17.90
N LEU C 221 21.06 22.32 -18.31
CA LEU C 221 19.72 21.79 -18.49
C LEU C 221 19.69 20.72 -19.58
N LEU C 222 20.45 20.93 -20.65
CA LEU C 222 20.56 19.91 -21.69
C LEU C 222 21.39 18.73 -21.21
N ARG C 223 22.46 18.99 -20.46
CA ARG C 223 23.28 17.92 -19.91
C ARG C 223 22.53 17.08 -18.90
N ALA C 224 21.39 17.56 -18.41
CA ALA C 224 20.56 16.75 -17.53
C ALA C 224 20.03 15.50 -18.21
N ILE C 225 20.08 15.43 -19.54
CA ILE C 225 19.60 14.26 -20.26
C ILE C 225 20.57 13.09 -20.07
N PRO C 226 21.85 13.18 -20.45
CA PRO C 226 22.76 12.05 -20.15
C PRO C 226 22.90 11.78 -18.67
N VAL C 227 22.92 12.83 -17.86
CA VAL C 227 22.96 12.62 -16.41
C VAL C 227 21.68 11.96 -15.94
N GLY C 228 20.55 12.31 -16.54
CA GLY C 228 19.31 11.62 -16.22
C GLY C 228 19.37 10.14 -16.58
N ILE C 229 20.02 9.80 -17.68
CA ILE C 229 20.21 8.40 -18.04
C ILE C 229 21.10 7.71 -17.01
N GLY C 230 22.21 8.34 -16.64
CA GLY C 230 23.14 7.76 -15.70
C GLY C 230 22.62 7.68 -14.27
N GLN C 231 21.59 8.46 -13.94
CA GLN C 231 21.04 8.45 -12.59
C GLN C 231 20.20 7.21 -12.32
N VAL C 232 19.93 6.39 -13.33
CA VAL C 232 19.20 5.14 -13.09
C VAL C 232 19.95 4.29 -12.09
N TYR C 233 21.27 4.23 -12.21
CA TYR C 233 22.11 3.51 -11.27
C TYR C 233 22.51 4.34 -10.06
N GLY C 234 22.19 5.63 -10.05
CA GLY C 234 22.67 6.52 -9.02
C GLY C 234 23.90 7.31 -9.39
N CYS C 235 24.42 7.13 -10.59
CA CYS C 235 25.62 7.83 -11.02
C CYS C 235 25.28 9.21 -11.57
N ASP C 236 26.03 10.23 -11.15
CA ASP C 236 25.77 11.59 -11.56
C ASP C 236 26.79 12.12 -12.57
N ASN C 237 27.79 11.33 -12.91
CA ASN C 237 28.83 11.79 -13.83
C ASN C 237 28.28 11.81 -15.26
N PRO C 238 28.39 12.93 -15.97
CA PRO C 238 27.91 12.94 -17.37
C PRO C 238 28.61 11.92 -18.25
N TRP C 239 29.88 11.63 -17.99
CA TRP C 239 30.60 10.67 -18.81
C TRP C 239 30.02 9.26 -18.66
N THR C 240 29.68 8.86 -17.44
CA THR C 240 29.06 7.55 -17.29
C THR C 240 27.65 7.54 -17.89
N GLY C 241 26.99 8.69 -17.94
CA GLY C 241 25.74 8.77 -18.68
C GLY C 241 25.94 8.54 -20.17
N GLY C 242 26.98 9.13 -20.73
CA GLY C 242 27.28 8.87 -22.14
C GLY C 242 27.64 7.42 -22.39
N ILE C 243 28.42 6.82 -21.48
CA ILE C 243 28.74 5.41 -21.61
C ILE C 243 27.48 4.56 -21.56
N PHE C 244 26.55 4.93 -20.68
CA PHE C 244 25.28 4.21 -20.62
C PHE C 244 24.50 4.34 -21.92
N LEU C 245 24.47 5.55 -22.48
CA LEU C 245 23.76 5.74 -23.74
C LEU C 245 24.39 4.89 -24.84
N ILE C 246 25.71 4.80 -24.87
CA ILE C 246 26.39 3.94 -25.84
C ILE C 246 26.00 2.49 -25.60
N ALA C 247 25.92 2.09 -24.33
CA ALA C 247 25.59 0.71 -24.00
C ALA C 247 24.18 0.34 -24.47
N LEU C 248 23.22 1.25 -24.28
CA LEU C 248 21.89 1.01 -24.81
C LEU C 248 21.89 1.00 -26.33
N PHE C 249 22.62 1.92 -26.96
CA PHE C 249 22.57 2.01 -28.42
C PHE C 249 23.19 0.79 -29.09
N ILE C 250 24.25 0.22 -28.50
CA ILE C 250 24.91 -0.91 -29.15
C ILE C 250 23.96 -2.10 -29.25
N SER C 251 23.00 -2.19 -28.34
CA SER C 251 22.03 -3.28 -28.40
C SER C 251 20.88 -2.95 -29.35
N SER C 252 20.17 -1.86 -29.07
CA SER C 252 19.00 -1.51 -29.87
C SER C 252 18.78 0.00 -29.87
N PRO C 253 18.80 0.64 -31.04
CA PRO C 253 18.63 2.10 -31.08
C PRO C 253 17.31 2.60 -30.53
N LEU C 254 16.23 1.83 -30.64
CA LEU C 254 14.94 2.29 -30.13
C LEU C 254 14.99 2.48 -28.61
N ILE C 255 15.68 1.59 -27.90
CA ILE C 255 15.78 1.74 -26.45
C ILE C 255 16.55 3.01 -26.10
N CYS C 256 17.63 3.29 -26.82
CA CYS C 256 18.39 4.52 -26.56
C CYS C 256 17.55 5.75 -26.86
N LEU C 257 16.81 5.74 -27.97
CA LEU C 257 15.97 6.87 -28.30
C LEU C 257 14.92 7.11 -27.23
N HIS C 258 14.25 6.05 -26.78
CA HIS C 258 13.24 6.21 -25.75
C HIS C 258 13.86 6.62 -24.42
N ALA C 259 15.09 6.19 -24.15
CA ALA C 259 15.77 6.64 -22.94
C ALA C 259 16.02 8.13 -22.97
N ALA C 260 16.54 8.64 -24.09
CA ALA C 260 16.78 10.08 -24.20
C ALA C 260 15.48 10.85 -24.12
N ILE C 261 14.43 10.36 -24.79
CA ILE C 261 13.14 11.05 -24.75
C ILE C 261 12.57 11.07 -23.34
N GLY C 262 12.68 9.94 -22.63
CA GLY C 262 12.19 9.90 -21.26
C GLY C 262 12.95 10.82 -20.33
N SER C 263 14.28 10.86 -20.48
CA SER C 263 15.07 11.74 -19.63
C SER C 263 14.72 13.20 -19.87
N THR C 264 14.63 13.60 -21.14
CA THR C 264 14.29 14.99 -21.42
C THR C 264 12.86 15.31 -21.01
N MET C 265 11.96 14.34 -21.10
CA MET C 265 10.60 14.55 -20.65
C MET C 265 10.53 14.73 -19.14
N GLY C 266 11.32 13.95 -18.40
CA GLY C 266 11.39 14.14 -16.97
C GLY C 266 11.95 15.50 -16.60
N MET C 267 12.99 15.94 -17.31
CA MET C 267 13.54 17.27 -17.09
C MET C 267 12.49 18.34 -17.32
N LEU C 268 11.76 18.27 -18.44
CA LEU C 268 10.74 19.25 -18.73
C LEU C 268 9.63 19.23 -17.69
N ALA C 269 9.19 18.04 -17.29
CA ALA C 269 8.14 17.94 -16.29
C ALA C 269 8.59 18.46 -14.94
N ALA C 270 9.88 18.35 -14.64
CA ALA C 270 10.40 18.94 -13.41
C ALA C 270 10.50 20.45 -13.47
N LEU C 271 10.73 21.03 -14.67
CA LEU C 271 10.67 22.48 -14.76
C LEU C 271 9.24 23.00 -14.58
N THR C 272 8.24 22.17 -14.87
CA THR C 272 6.86 22.63 -14.83
C THR C 272 6.38 22.94 -13.42
N ILE C 273 6.90 22.25 -12.41
CA ILE C 273 6.46 22.44 -11.03
C ILE C 273 7.54 23.13 -10.19
N ALA C 274 8.42 23.90 -10.83
CA ALA C 274 9.40 24.73 -10.14
C ALA C 274 10.31 23.90 -9.23
N THR C 275 10.87 22.86 -9.83
CA THR C 275 11.80 22.02 -9.12
C THR C 275 13.16 22.79 -9.01
N PRO C 276 13.83 22.82 -7.82
CA PRO C 276 15.11 23.53 -7.70
C PRO C 276 16.07 23.10 -8.80
N PHE C 277 16.82 24.08 -9.32
CA PHE C 277 17.66 23.83 -10.49
C PHE C 277 18.76 22.83 -10.19
N ASP C 278 19.27 22.83 -8.95
CA ASP C 278 20.34 21.90 -8.60
C ASP C 278 19.88 20.47 -8.74
N SER C 279 18.64 20.17 -8.34
CA SER C 279 18.13 18.82 -8.45
C SER C 279 18.03 18.39 -9.92
N ILE C 280 17.57 19.29 -10.80
CA ILE C 280 17.46 18.95 -12.21
C ILE C 280 18.84 18.75 -12.81
N TYR C 281 19.79 19.65 -12.50
CA TYR C 281 21.14 19.49 -13.02
C TYR C 281 21.78 18.20 -12.57
N PHE C 282 21.41 17.73 -11.38
CA PHE C 282 22.00 16.52 -10.82
C PHE C 282 21.40 15.26 -11.43
N GLY C 283 20.38 15.40 -12.27
CA GLY C 283 19.76 14.27 -12.94
C GLY C 283 18.71 13.54 -12.14
N LEU C 284 18.34 14.05 -10.97
CA LEU C 284 17.41 13.33 -10.10
C LEU C 284 16.01 13.21 -10.67
N CYS C 285 15.64 14.04 -11.64
CA CYS C 285 14.28 14.09 -12.13
C CYS C 285 14.07 13.30 -13.42
N GLY C 286 15.09 12.62 -13.91
CA GLY C 286 14.95 11.98 -15.21
C GLY C 286 15.14 10.48 -15.25
N PHE C 287 15.47 9.84 -14.13
CA PHE C 287 15.74 8.40 -14.19
C PHE C 287 14.46 7.58 -14.14
N ASN C 288 13.52 7.97 -13.28
CA ASN C 288 12.21 7.32 -13.32
C ASN C 288 11.56 7.52 -14.68
N SER C 289 11.65 8.73 -15.21
CA SER C 289 11.03 9.02 -16.50
C SER C 289 11.67 8.21 -17.62
N THR C 290 13.00 8.11 -17.63
CA THR C 290 13.65 7.35 -18.71
C THR C 290 13.34 5.87 -18.58
N LEU C 291 13.28 5.34 -17.36
CA LEU C 291 12.92 3.94 -17.19
C LEU C 291 11.49 3.69 -17.68
N ALA C 292 10.57 4.58 -17.34
CA ALA C 292 9.19 4.41 -17.78
C ALA C 292 9.08 4.48 -19.30
N CYS C 293 9.80 5.43 -19.91
CA CYS C 293 9.75 5.57 -21.36
C CYS C 293 10.32 4.33 -22.04
N ILE C 294 11.42 3.79 -21.53
CA ILE C 294 11.97 2.57 -22.11
C ILE C 294 10.98 1.42 -21.96
N ALA C 295 10.36 1.29 -20.80
CA ALA C 295 9.47 0.16 -20.54
C ALA C 295 8.24 0.20 -21.43
N ILE C 296 7.63 1.39 -21.57
CA ILE C 296 6.37 1.48 -22.30
C ILE C 296 6.57 1.73 -23.80
N GLY C 297 7.73 2.21 -24.20
CA GLY C 297 7.94 2.64 -25.57
C GLY C 297 7.84 1.53 -26.60
N GLY C 298 8.78 0.60 -26.60
CA GLY C 298 8.84 -0.36 -27.67
C GLY C 298 9.00 -1.80 -27.25
N MET C 299 9.19 -2.06 -25.96
CA MET C 299 9.41 -3.44 -25.53
C MET C 299 8.11 -4.12 -25.10
N PHE C 300 7.47 -3.61 -24.06
CA PHE C 300 6.30 -4.27 -23.54
C PHE C 300 5.04 -3.88 -24.30
N TYR C 301 5.14 -2.88 -25.15
CA TYR C 301 4.13 -2.55 -26.14
C TYR C 301 4.80 -2.60 -27.50
N VAL C 302 4.11 -3.15 -28.50
CA VAL C 302 4.68 -3.14 -29.84
C VAL C 302 4.87 -1.70 -30.29
N ILE C 303 6.07 -1.39 -30.78
CA ILE C 303 6.43 0.01 -31.03
C ILE C 303 5.56 0.56 -32.16
N THR C 304 4.82 1.61 -31.84
CA THR C 304 3.99 2.31 -32.81
C THR C 304 3.84 3.74 -32.32
N TRP C 305 3.50 4.65 -33.23
CA TRP C 305 3.40 6.05 -32.87
C TRP C 305 2.38 6.26 -31.75
N GLN C 306 1.31 5.47 -31.74
CA GLN C 306 0.38 5.50 -30.63
C GLN C 306 1.08 5.10 -29.33
N THR C 307 1.82 3.99 -29.36
CA THR C 307 2.56 3.58 -28.19
C THR C 307 3.68 4.55 -27.86
N HIS C 308 4.22 5.25 -28.86
CA HIS C 308 5.22 6.27 -28.60
C HIS C 308 4.64 7.42 -27.79
N LEU C 309 3.46 7.91 -28.20
CA LEU C 309 2.79 8.94 -27.43
C LEU C 309 2.41 8.44 -26.05
N LEU C 310 1.99 7.18 -25.95
CA LEU C 310 1.71 6.60 -24.65
C LEU C 310 2.95 6.58 -23.78
N ALA C 311 4.12 6.29 -24.36
CA ALA C 311 5.36 6.27 -23.60
C ALA C 311 5.72 7.67 -23.11
N ILE C 312 5.51 8.68 -23.95
CA ILE C 312 5.77 10.05 -23.52
C ILE C 312 4.84 10.43 -22.37
N ALA C 313 3.57 10.05 -22.47
CA ALA C 313 2.63 10.32 -21.39
C ALA C 313 3.05 9.58 -20.12
N CYS C 314 3.55 8.35 -20.27
CA CYS C 314 4.03 7.61 -19.11
C CYS C 314 5.24 8.28 -18.49
N ALA C 315 6.11 8.85 -19.32
CA ALA C 315 7.25 9.58 -18.79
C ALA C 315 6.79 10.79 -17.98
N LEU C 316 5.80 11.53 -18.49
CA LEU C 316 5.27 12.66 -17.73
C LEU C 316 4.66 12.21 -16.41
N PHE C 317 3.83 11.16 -16.44
CA PHE C 317 3.24 10.64 -15.22
C PHE C 317 4.31 10.20 -14.24
N ALA C 318 5.37 9.56 -14.74
CA ALA C 318 6.42 9.06 -13.87
C ALA C 318 7.22 10.21 -13.26
N ALA C 319 7.46 11.28 -14.01
CA ALA C 319 8.17 12.42 -13.45
C ALA C 319 7.36 13.12 -12.36
N TYR C 320 6.07 13.35 -12.62
CA TYR C 320 5.24 13.98 -11.60
C TYR C 320 5.11 13.08 -10.38
N LEU C 321 4.91 11.78 -10.59
CA LEU C 321 4.87 10.85 -9.47
C LEU C 321 6.22 10.78 -8.75
N GLY C 322 7.31 10.99 -9.48
CA GLY C 322 8.61 11.04 -8.82
C GLY C 322 8.74 12.20 -7.88
N ALA C 323 8.29 13.39 -8.31
CA ALA C 323 8.28 14.53 -7.41
C ALA C 323 7.39 14.26 -6.21
N ALA C 324 6.21 13.70 -6.45
CA ALA C 324 5.28 13.43 -5.36
C ALA C 324 5.86 12.45 -4.36
N LEU C 325 6.44 11.35 -4.85
CA LEU C 325 7.01 10.36 -3.94
C LEU C 325 8.25 10.89 -3.25
N ALA C 326 9.03 11.75 -3.91
CA ALA C 326 10.15 12.38 -3.21
C ALA C 326 9.65 13.19 -2.02
N ASN C 327 8.65 14.04 -2.25
CA ASN C 327 8.13 14.85 -1.16
C ASN C 327 7.53 14.00 -0.04
N MET C 328 6.80 12.95 -0.40
CA MET C 328 6.19 12.10 0.62
C MET C 328 7.25 11.32 1.40
N LEU C 329 8.16 10.65 0.68
CA LEU C 329 9.10 9.75 1.32
C LEU C 329 10.19 10.50 2.07
N SER C 330 10.41 11.77 1.73
CA SER C 330 11.36 12.56 2.51
C SER C 330 10.94 12.69 3.95
N VAL C 331 9.66 12.50 4.25
CA VAL C 331 9.19 12.54 5.64
C VAL C 331 9.83 11.43 6.45
N PHE C 332 9.85 10.22 5.91
CA PHE C 332 10.52 9.11 6.58
C PHE C 332 12.03 9.17 6.45
N GLY C 333 12.56 10.09 5.65
CA GLY C 333 13.98 10.13 5.37
C GLY C 333 14.42 9.24 4.24
N LEU C 334 13.50 8.63 3.52
CA LEU C 334 13.84 7.73 2.43
C LEU C 334 13.73 8.45 1.09
N PRO C 335 14.51 8.02 0.10
CA PRO C 335 14.39 8.57 -1.23
C PRO C 335 13.41 7.77 -2.07
N PRO C 336 12.86 8.34 -3.13
CA PRO C 336 11.97 7.60 -4.03
C PRO C 336 12.78 6.79 -5.05
N CYS C 337 13.37 5.69 -4.58
CA CYS C 337 14.27 4.91 -5.41
C CYS C 337 13.45 4.03 -6.34
N THR C 338 13.17 4.55 -7.52
CA THR C 338 12.60 3.82 -8.66
C THR C 338 11.15 3.38 -8.39
N TRP C 339 10.58 3.74 -7.24
CA TRP C 339 9.15 3.53 -7.05
C TRP C 339 8.30 4.21 -8.13
N PRO C 340 8.55 5.47 -8.51
CA PRO C 340 7.67 6.12 -9.50
C PRO C 340 7.62 5.38 -10.82
N PHE C 341 8.77 4.94 -11.33
CA PHE C 341 8.79 4.17 -12.57
C PHE C 341 7.96 2.91 -12.42
N CYS C 342 8.09 2.22 -11.29
CA CYS C 342 7.33 1.01 -11.06
C CYS C 342 5.83 1.29 -11.15
N LEU C 343 5.37 2.28 -10.38
CA LEU C 343 3.93 2.53 -10.34
C LEU C 343 3.41 2.99 -11.69
N SER C 344 4.13 3.88 -12.36
CA SER C 344 3.66 4.39 -13.64
C SER C 344 3.65 3.29 -14.71
N ALA C 345 4.72 2.51 -14.80
CA ALA C 345 4.76 1.47 -15.82
C ALA C 345 3.72 0.39 -15.56
N LEU C 346 3.51 0.03 -14.29
CA LEU C 346 2.49 -0.97 -13.99
C LEU C 346 1.09 -0.44 -14.28
N THR C 347 0.82 0.83 -13.97
CA THR C 347 -0.49 1.36 -14.28
C THR C 347 -0.68 1.60 -15.77
N PHE C 348 0.39 1.68 -16.53
CA PHE C 348 0.28 1.86 -17.98
C PHE C 348 0.31 0.54 -18.75
N LEU C 349 0.75 -0.55 -18.12
CA LEU C 349 0.64 -1.86 -18.74
C LEU C 349 -0.72 -2.50 -18.51
N LEU C 350 -1.37 -2.16 -17.40
CA LEU C 350 -2.71 -2.64 -17.12
C LEU C 350 -3.77 -1.92 -17.94
N LEU C 351 -3.41 -0.81 -18.59
CA LEU C 351 -4.36 -0.07 -19.40
C LEU C 351 -4.89 -0.95 -20.52
N THR C 352 -6.21 -0.98 -20.66
CA THR C 352 -6.88 -1.75 -21.70
C THR C 352 -7.48 -0.77 -22.71
N THR C 353 -7.12 -0.94 -23.97
CA THR C 353 -7.52 -0.03 -25.03
C THR C 353 -8.05 -0.83 -26.21
N ASN C 354 -9.15 -0.35 -26.80
CA ASN C 354 -9.84 -1.13 -27.82
C ASN C 354 -9.12 -1.13 -29.17
N ASN C 355 -8.40 -0.06 -29.50
CA ASN C 355 -7.81 0.01 -30.83
C ASN C 355 -6.68 -1.01 -30.97
N PRO C 356 -6.47 -1.55 -32.17
CA PRO C 356 -5.47 -2.60 -32.35
C PRO C 356 -4.04 -2.10 -32.38
N ALA C 357 -3.81 -0.79 -32.44
CA ALA C 357 -2.45 -0.29 -32.51
C ALA C 357 -1.70 -0.50 -31.19
N ILE C 358 -2.41 -0.36 -30.07
CA ILE C 358 -1.81 -0.50 -28.76
C ILE C 358 -1.91 -1.98 -28.37
N TYR C 359 -0.83 -2.72 -28.60
CA TYR C 359 -0.78 -4.16 -28.36
C TYR C 359 0.25 -4.46 -27.29
N LYS C 360 -0.15 -5.26 -26.30
CA LYS C 360 0.73 -5.66 -25.21
C LYS C 360 1.22 -7.08 -25.45
N LEU C 361 2.53 -7.26 -25.47
CA LEU C 361 3.10 -8.57 -25.77
C LEU C 361 3.03 -9.50 -24.57
N PRO C 362 2.82 -10.80 -24.81
CA PRO C 362 3.01 -11.77 -23.73
C PRO C 362 4.46 -11.77 -23.25
N LEU C 363 4.65 -11.96 -21.95
CA LEU C 363 5.98 -11.85 -21.37
C LEU C 363 6.94 -12.91 -21.89
N SER C 364 6.43 -14.05 -22.35
CA SER C 364 7.32 -15.11 -22.79
C SER C 364 8.08 -14.74 -24.05
N LYS C 365 7.69 -13.68 -24.76
CA LYS C 365 8.25 -13.36 -26.07
C LYS C 365 8.59 -11.88 -26.15
N VAL C 366 9.30 -11.38 -25.15
CA VAL C 366 9.73 -9.98 -25.09
C VAL C 366 11.24 -9.97 -25.05
N THR C 367 11.87 -9.47 -26.11
CA THR C 367 13.33 -9.37 -26.15
C THR C 367 13.81 -7.92 -26.26
N TYR C 368 13.39 -7.18 -27.28
CA TYR C 368 13.77 -5.80 -27.49
C TYR C 368 12.93 -5.23 -28.63
N PRO C 369 12.79 -3.90 -28.71
CA PRO C 369 11.72 -3.34 -29.56
C PRO C 369 11.76 -3.76 -31.02
N GLU C 370 12.95 -3.86 -31.63
CA GLU C 370 13.00 -4.27 -33.02
C GLU C 370 12.52 -5.70 -33.18
N ALA C 371 13.04 -6.61 -32.35
CA ALA C 371 12.60 -7.99 -32.42
C ALA C 371 11.13 -8.12 -32.04
N ASN C 372 10.66 -7.29 -31.11
CA ASN C 372 9.25 -7.32 -30.74
C ASN C 372 8.37 -6.93 -31.93
N ARG C 373 8.74 -5.88 -32.64
CA ARG C 373 7.96 -5.47 -33.81
C ARG C 373 8.02 -6.53 -34.90
N ILE C 374 9.20 -7.15 -35.08
CA ILE C 374 9.32 -8.22 -36.06
C ILE C 374 8.39 -9.37 -35.70
N TYR C 375 8.37 -9.76 -34.43
CA TYR C 375 7.48 -10.83 -33.99
C TYR C 375 6.03 -10.47 -34.20
N TYR C 376 5.65 -9.24 -33.87
CA TYR C 376 4.27 -8.83 -34.06
C TYR C 376 3.87 -8.86 -35.53
N LEU C 377 4.75 -8.39 -36.40
CA LEU C 377 4.45 -8.41 -37.83
C LEU C 377 4.37 -9.83 -38.36
N SER C 378 5.22 -10.73 -37.88
CA SER C 378 5.16 -12.12 -38.32
C SER C 378 3.88 -12.79 -37.85
N GLN C 379 3.51 -12.60 -36.58
CA GLN C 379 2.32 -13.24 -36.06
C GLN C 379 1.07 -12.69 -36.71
N GLU C 380 1.04 -11.38 -36.99
CA GLU C 380 -0.13 -10.78 -37.63
C GLU C 380 -0.35 -11.36 -39.02
N ARG C 381 0.72 -11.56 -39.78
CA ARG C 381 0.61 -12.09 -41.13
C ARG C 381 0.50 -13.61 -41.11
#